data_6SJZ
#
_entry.id   6SJZ
#
_cell.length_a   79.908
_cell.length_b   178.900
_cell.length_c   58.379
_cell.angle_alpha   90.000
_cell.angle_beta   90.000
_cell.angle_gamma   90.000
#
_symmetry.space_group_name_H-M   'P 21 21 2'
#
loop_
_entity.id
_entity.type
_entity.pdbx_description
1 polymer 'Glycylpeptide N-tetradecanoyltransferase 1'
2 polymer 'Apoptosis-inducing factor 3'
3 non-polymer TETRADECANOYL-COA
4 non-polymer 'CHLORIDE ION'
5 non-polymer GLYCEROL
6 water water
#
loop_
_entity_poly.entity_id
_entity_poly.type
_entity_poly.pdbx_seq_one_letter_code
_entity_poly.pdbx_strand_id
1 'polypeptide(L)'
;GGSEFSVGQGPAKTMEEASKRSYQFWDTQPVPKLGEVVNTHGPVEPDKDNIRQEPYTLPQGFTWDALDLGDRGVLKELYT
LLNENYVEDDDNMFRFDYSPEFLLWALRPPGWLPQWHCGVRVVSSRKLVGFISAIPANIHIYDTEKKMVEINFLCVHKKL
RSKRVAPVLIREITRRVHLEGIFQAVYTAGVVLPKPVGTCRYWHRSLNPRKLIEVKFSHLSRNMTMQRTMKLYRLPETPK
TAGLRPMETKDIPVVHQLLTRYLKQFHLTPVMSQEEVEHWFYPQENIIDTFVVENANGEVTDFLSFYTLPSTIMNHPTHK
SLKAAYSFYNVHTQTPLLDLMSDALVLAKMKGFDVFNALDLMENKTFLEKLKFGIGDGNLQYYLYNWKCPSMGAEKVGLV
LQ
;
A,B
2 'polypeptide(L)' (ACE)GNCFSKPR E,F
#
# COMPACT_ATOMS: atom_id res chain seq x y z
N PRO A 11 -24.48 -24.81 -7.85
CA PRO A 11 -23.27 -24.19 -8.40
C PRO A 11 -23.16 -24.38 -9.91
N ALA A 12 -23.53 -23.35 -10.66
CA ALA A 12 -23.54 -23.43 -12.12
C ALA A 12 -22.12 -23.45 -12.66
N LYS A 13 -21.86 -24.36 -13.60
CA LYS A 13 -20.57 -24.45 -14.26
C LYS A 13 -20.57 -23.84 -15.66
N THR A 14 -21.73 -23.67 -16.28
CA THR A 14 -21.86 -23.05 -17.59
C THR A 14 -22.80 -21.85 -17.52
N MET A 15 -22.64 -20.95 -18.48
CA MET A 15 -23.46 -19.74 -18.50
C MET A 15 -24.92 -20.06 -18.84
N GLU A 16 -25.16 -21.14 -19.57
CA GLU A 16 -26.54 -21.53 -19.87
C GLU A 16 -27.25 -22.02 -18.61
N GLU A 17 -26.54 -22.78 -17.77
CA GLU A 17 -27.11 -23.17 -16.48
C GLU A 17 -27.32 -21.96 -15.57
N ALA A 18 -26.35 -21.03 -15.58
CA ALA A 18 -26.43 -19.88 -14.68
C ALA A 18 -27.53 -18.91 -15.10
N SER A 19 -27.89 -18.89 -16.38
CA SER A 19 -28.94 -17.99 -16.85
C SER A 19 -30.31 -18.35 -16.27
N LYS A 20 -30.50 -19.58 -15.83
CA LYS A 20 -31.80 -20.06 -15.41
C LYS A 20 -32.09 -19.83 -13.92
N ARG A 21 -31.11 -19.40 -13.14
CA ARG A 21 -31.23 -19.35 -11.69
C ARG A 21 -31.13 -17.91 -11.19
N SER A 22 -31.35 -17.76 -9.89
CA SER A 22 -31.21 -16.48 -9.19
C SER A 22 -30.12 -16.60 -8.14
N TYR A 23 -29.54 -15.46 -7.78
CA TYR A 23 -28.39 -15.40 -6.88
C TYR A 23 -28.77 -14.58 -5.64
N GLN A 24 -29.25 -15.29 -4.61
CA GLN A 24 -29.75 -14.62 -3.41
C GLN A 24 -28.71 -13.68 -2.81
N PHE A 25 -27.44 -14.09 -2.79
CA PHE A 25 -26.41 -13.23 -2.26
C PHE A 25 -25.87 -12.25 -3.30
N TRP A 26 -25.45 -12.78 -4.47
CA TRP A 26 -24.76 -11.93 -5.44
C TRP A 26 -25.67 -10.85 -6.02
N ASP A 27 -26.99 -11.05 -6.01
CA ASP A 27 -27.89 -9.98 -6.42
C ASP A 27 -27.82 -8.77 -5.50
N THR A 28 -27.34 -8.95 -4.27
CA THR A 28 -27.20 -7.83 -3.35
C THR A 28 -25.89 -7.07 -3.52
N GLN A 29 -24.96 -7.59 -4.32
CA GLN A 29 -23.60 -7.09 -4.38
C GLN A 29 -23.41 -6.15 -5.56
N PRO A 30 -22.32 -5.20 -5.48
CA PRO A 30 -22.05 -4.27 -6.58
C PRO A 30 -21.32 -4.92 -7.74
N VAL A 31 -22.03 -5.82 -8.43
CA VAL A 31 -21.52 -6.49 -9.62
C VAL A 31 -22.61 -6.43 -10.69
N PRO A 32 -22.27 -6.48 -11.98
CA PRO A 32 -23.30 -6.45 -13.01
C PRO A 32 -24.13 -7.73 -13.01
N LYS A 33 -25.33 -7.62 -13.57
CA LYS A 33 -26.21 -8.77 -13.70
C LYS A 33 -25.76 -9.68 -14.84
N LEU A 34 -26.01 -10.98 -14.67
CA LEU A 34 -25.54 -11.97 -15.64
C LEU A 34 -26.02 -11.65 -17.04
N GLY A 35 -27.25 -11.15 -17.18
CA GLY A 35 -27.76 -10.85 -18.50
C GLY A 35 -27.17 -9.59 -19.11
N GLU A 36 -26.70 -8.67 -18.27
CA GLU A 36 -26.22 -7.37 -18.73
C GLU A 36 -25.13 -7.52 -19.79
N VAL A 37 -25.27 -6.75 -20.86
CA VAL A 37 -24.17 -6.45 -21.76
C VAL A 37 -23.67 -5.06 -21.38
N VAL A 38 -22.40 -4.96 -21.02
CA VAL A 38 -21.85 -3.76 -20.39
C VAL A 38 -21.07 -2.97 -21.43
N ASN A 39 -21.31 -1.66 -21.48
CA ASN A 39 -20.58 -0.78 -22.37
C ASN A 39 -19.91 0.38 -21.65
N THR A 40 -20.09 0.50 -20.34
CA THR A 40 -19.46 1.56 -19.55
C THR A 40 -18.21 1.03 -18.85
N HIS A 41 -17.48 1.95 -18.22
CA HIS A 41 -16.25 1.62 -17.49
C HIS A 41 -16.25 2.37 -16.17
N GLY A 42 -16.37 1.67 -15.05
CA GLY A 42 -16.22 2.31 -13.76
C GLY A 42 -16.90 1.65 -12.60
N PRO A 43 -16.85 2.30 -11.44
CA PRO A 43 -17.40 1.69 -10.21
C PRO A 43 -18.91 1.52 -10.28
N VAL A 44 -19.40 0.48 -9.60
CA VAL A 44 -20.84 0.32 -9.47
C VAL A 44 -21.40 1.24 -8.39
N GLU A 45 -20.71 1.34 -7.27
CA GLU A 45 -21.15 2.15 -6.14
C GLU A 45 -20.00 3.02 -5.66
N PRO A 46 -20.29 4.15 -5.01
CA PRO A 46 -19.22 5.05 -4.59
C PRO A 46 -18.39 4.49 -3.44
N ASP A 47 -17.17 4.99 -3.34
CA ASP A 47 -16.34 4.70 -2.17
C ASP A 47 -17.06 5.11 -0.91
N LYS A 48 -16.98 4.27 0.13
CA LYS A 48 -17.67 4.54 1.38
C LYS A 48 -16.79 5.39 2.29
N ASP A 49 -17.34 6.49 2.80
CA ASP A 49 -16.61 7.32 3.74
C ASP A 49 -16.97 7.03 5.20
N ASN A 50 -17.81 6.03 5.45
CA ASN A 50 -17.94 5.47 6.79
C ASN A 50 -18.17 3.97 6.66
N ILE A 51 -17.41 3.19 7.41
CA ILE A 51 -17.37 1.74 7.30
C ILE A 51 -17.84 1.12 8.61
N ARG A 52 -18.69 0.11 8.50
CA ARG A 52 -19.10 -0.72 9.64
C ARG A 52 -17.88 -1.14 10.46
N GLN A 53 -17.87 -0.76 11.75
CA GLN A 53 -16.74 -1.09 12.62
C GLN A 53 -16.83 -2.48 13.21
N GLU A 54 -18.02 -3.05 13.29
CA GLU A 54 -18.19 -4.35 13.94
C GLU A 54 -18.12 -5.48 12.91
N PRO A 55 -17.44 -6.58 13.25
CA PRO A 55 -17.47 -7.75 12.36
C PRO A 55 -18.89 -8.26 12.16
N TYR A 56 -19.14 -8.85 11.00
CA TYR A 56 -20.44 -9.44 10.74
C TYR A 56 -20.67 -10.64 11.64
N THR A 57 -21.95 -10.93 11.89
CA THR A 57 -22.33 -11.99 12.81
C THR A 57 -22.19 -13.34 12.14
N LEU A 58 -21.48 -14.25 12.81
CA LEU A 58 -21.36 -15.64 12.42
C LEU A 58 -22.44 -16.46 13.10
N PRO A 59 -22.76 -17.65 12.58
CA PRO A 59 -23.69 -18.53 13.29
C PRO A 59 -23.20 -18.83 14.70
N GLN A 60 -24.15 -19.17 15.57
CA GLN A 60 -23.83 -19.44 16.96
C GLN A 60 -22.73 -20.50 17.07
N GLY A 61 -21.73 -20.22 17.90
CA GLY A 61 -20.65 -21.16 18.14
C GLY A 61 -19.47 -21.05 17.21
N PHE A 62 -19.38 -20.00 16.40
CA PHE A 62 -18.24 -19.76 15.54
C PHE A 62 -17.77 -18.32 15.72
N THR A 63 -16.47 -18.11 15.52
CA THR A 63 -15.88 -16.80 15.77
C THR A 63 -14.79 -16.51 14.73
N TRP A 64 -14.52 -15.22 14.54
CA TRP A 64 -13.47 -14.77 13.63
C TRP A 64 -12.09 -14.90 14.28
N ASP A 65 -11.08 -15.12 13.43
CA ASP A 65 -9.69 -15.10 13.90
C ASP A 65 -8.78 -14.80 12.72
N ALA A 66 -8.01 -13.72 12.82
CA ALA A 66 -6.98 -13.44 11.83
C ALA A 66 -5.80 -14.40 12.04
N LEU A 67 -5.38 -15.05 10.96
CA LEU A 67 -4.37 -16.10 11.06
C LEU A 67 -2.98 -15.49 10.87
N ASP A 68 -2.14 -15.60 11.89
CA ASP A 68 -0.73 -15.21 11.78
C ASP A 68 0.04 -16.37 11.16
N LEU A 69 0.35 -16.26 9.87
CA LEU A 69 1.00 -17.34 9.14
C LEU A 69 2.49 -17.47 9.47
N GLY A 70 3.09 -16.45 10.09
CA GLY A 70 4.43 -16.60 10.64
C GLY A 70 4.50 -17.54 11.82
N ASP A 71 3.35 -17.86 12.41
CA ASP A 71 3.24 -18.91 13.42
C ASP A 71 3.13 -20.25 12.70
N ARG A 72 4.11 -21.12 12.90
CA ARG A 72 4.16 -22.38 12.17
C ARG A 72 2.93 -23.24 12.46
N GLY A 73 2.49 -23.26 13.71
CA GLY A 73 1.32 -24.06 14.06
C GLY A 73 0.05 -23.56 13.39
N VAL A 74 -0.09 -22.23 13.25
CA VAL A 74 -1.27 -21.67 12.61
C VAL A 74 -1.24 -21.93 11.11
N LEU A 75 -0.07 -21.80 10.50
CA LEU A 75 0.07 -22.12 9.08
C LEU A 75 -0.26 -23.58 8.82
N LYS A 76 0.13 -24.47 9.74
CA LYS A 76 -0.21 -25.89 9.60
C LYS A 76 -1.72 -26.09 9.64
N GLU A 77 -2.42 -25.39 10.53
CA GLU A 77 -3.87 -25.47 10.57
C GLU A 77 -4.48 -25.05 9.24
N LEU A 78 -3.97 -23.97 8.64
CA LEU A 78 -4.50 -23.53 7.36
C LEU A 78 -4.24 -24.55 6.27
N TYR A 79 -2.99 -25.00 6.14
N TYR A 79 -3.03 -25.09 6.17
CA TYR A 79 -2.65 -26.08 5.22
CA TYR A 79 -2.83 -26.04 5.08
C TYR A 79 -3.59 -27.25 5.36
C TYR A 79 -3.51 -27.37 5.35
N THR A 80 -3.90 -27.65 6.60
CA THR A 80 -4.73 -28.83 6.83
C THR A 80 -6.17 -28.58 6.41
N LEU A 81 -6.71 -27.41 6.72
CA LEU A 81 -8.05 -27.05 6.26
C LEU A 81 -8.13 -27.11 4.73
N LEU A 82 -7.14 -26.53 4.05
CA LEU A 82 -7.20 -26.49 2.59
C LEU A 82 -6.93 -27.86 1.98
N ASN A 83 -6.00 -28.62 2.55
N ASN A 83 -6.01 -28.63 2.54
CA ASN A 83 -5.68 -29.94 2.03
CA ASN A 83 -5.71 -29.94 1.96
C ASN A 83 -6.88 -30.88 2.08
C ASN A 83 -6.91 -30.87 2.04
N GLU A 84 -7.77 -30.69 3.04
CA GLU A 84 -8.91 -31.59 3.21
C GLU A 84 -10.22 -31.02 2.68
N ASN A 85 -10.30 -29.72 2.39
CA ASN A 85 -11.57 -29.11 2.05
C ASN A 85 -11.56 -28.13 0.89
N TYR A 86 -10.45 -27.94 0.19
CA TYR A 86 -10.41 -26.92 -0.86
C TYR A 86 -10.82 -27.51 -2.21
N VAL A 87 -10.42 -26.86 -3.31
CA VAL A 87 -11.00 -27.14 -4.61
C VAL A 87 -10.67 -28.55 -5.06
N GLU A 88 -11.67 -29.22 -5.64
CA GLU A 88 -11.49 -30.53 -6.25
C GLU A 88 -11.92 -30.48 -7.71
N ASP A 89 -11.37 -31.38 -8.51
CA ASP A 89 -11.76 -31.49 -9.92
C ASP A 89 -13.22 -31.93 -10.03
N ASP A 90 -13.78 -31.75 -11.22
CA ASP A 90 -15.20 -32.04 -11.42
C ASP A 90 -15.52 -33.51 -11.19
N ASP A 91 -14.53 -34.41 -11.26
CA ASP A 91 -14.74 -35.83 -11.00
C ASP A 91 -14.50 -36.22 -9.55
N ASN A 92 -14.08 -35.27 -8.70
CA ASN A 92 -13.82 -35.54 -7.29
C ASN A 92 -12.77 -36.63 -7.10
N MET A 93 -11.70 -36.57 -7.88
CA MET A 93 -10.62 -37.54 -7.79
C MET A 93 -9.30 -36.93 -7.35
N PHE A 94 -9.13 -35.61 -7.46
CA PHE A 94 -7.90 -34.94 -7.07
C PHE A 94 -8.23 -33.62 -6.40
N ARG A 95 -7.44 -33.27 -5.38
CA ARG A 95 -7.61 -32.03 -4.65
C ARG A 95 -6.27 -31.33 -4.54
N PHE A 96 -6.25 -30.01 -4.75
CA PHE A 96 -5.04 -29.23 -4.61
C PHE A 96 -4.36 -29.51 -3.27
N ASP A 97 -3.04 -29.64 -3.31
CA ASP A 97 -2.24 -29.90 -2.11
C ASP A 97 -1.24 -28.76 -1.94
N TYR A 98 -1.78 -27.57 -1.65
CA TYR A 98 -0.93 -26.41 -1.37
C TYR A 98 0.00 -26.70 -0.20
N SER A 99 1.30 -26.41 -0.37
CA SER A 99 2.26 -26.61 0.71
C SER A 99 2.33 -25.37 1.60
N PRO A 100 2.81 -25.53 2.84
CA PRO A 100 2.96 -24.34 3.71
C PRO A 100 3.87 -23.28 3.13
N GLU A 101 4.98 -23.69 2.49
CA GLU A 101 5.87 -22.73 1.85
C GLU A 101 5.18 -22.04 0.68
N PHE A 102 4.38 -22.80 -0.08
CA PHE A 102 3.62 -22.19 -1.16
C PHE A 102 2.64 -21.15 -0.62
N LEU A 103 1.93 -21.49 0.46
CA LEU A 103 0.95 -20.57 1.02
C LEU A 103 1.60 -19.28 1.49
N LEU A 104 2.78 -19.37 2.10
CA LEU A 104 3.49 -18.15 2.49
C LEU A 104 3.81 -17.28 1.28
N TRP A 105 4.19 -17.91 0.17
CA TRP A 105 4.46 -17.17 -1.06
C TRP A 105 3.20 -16.50 -1.59
N ALA A 106 2.07 -17.21 -1.58
CA ALA A 106 0.83 -16.68 -2.13
C ALA A 106 0.15 -15.68 -1.21
N LEU A 107 0.35 -15.82 0.11
CA LEU A 107 -0.40 -15.03 1.08
C LEU A 107 0.43 -13.94 1.75
N ARG A 108 1.74 -13.93 1.58
CA ARG A 108 2.51 -12.81 2.10
C ARG A 108 3.32 -12.10 1.02
N PRO A 109 2.71 -11.64 -0.08
CA PRO A 109 3.43 -10.78 -1.01
C PRO A 109 3.63 -9.40 -0.40
N PRO A 110 4.38 -8.51 -1.04
CA PRO A 110 4.54 -7.16 -0.52
C PRO A 110 3.20 -6.49 -0.27
N GLY A 111 3.05 -5.90 0.91
CA GLY A 111 1.83 -5.22 1.29
C GLY A 111 0.80 -6.08 1.99
N TRP A 112 1.11 -7.34 2.28
CA TRP A 112 0.14 -8.22 2.93
C TRP A 112 -0.21 -7.68 4.31
N LEU A 113 -1.44 -7.98 4.75
CA LEU A 113 -1.92 -7.56 6.05
C LEU A 113 -2.43 -8.77 6.82
N PRO A 114 -2.15 -8.84 8.12
CA PRO A 114 -2.64 -9.99 8.90
C PRO A 114 -4.16 -10.05 9.00
N GLN A 115 -4.83 -8.90 9.08
CA GLN A 115 -6.28 -8.90 9.17
C GLN A 115 -6.95 -9.42 7.90
N TRP A 116 -6.21 -9.50 6.79
CA TRP A 116 -6.74 -10.02 5.54
C TRP A 116 -6.53 -11.52 5.37
N HIS A 117 -6.01 -12.19 6.39
CA HIS A 117 -5.99 -13.65 6.45
C HIS A 117 -7.11 -14.05 7.42
N CYS A 118 -8.33 -14.10 6.89
CA CYS A 118 -9.54 -14.07 7.70
C CYS A 118 -10.05 -15.49 7.91
N GLY A 119 -9.88 -16.00 9.14
CA GLY A 119 -10.32 -17.34 9.47
C GLY A 119 -11.60 -17.36 10.28
N VAL A 120 -12.22 -18.54 10.30
CA VAL A 120 -13.36 -18.83 11.16
C VAL A 120 -13.01 -20.05 12.00
N ARG A 121 -13.24 -19.96 13.30
CA ARG A 121 -12.92 -21.05 14.22
C ARG A 121 -14.16 -21.42 15.04
N VAL A 122 -14.25 -22.71 15.39
CA VAL A 122 -15.22 -23.14 16.38
C VAL A 122 -14.87 -22.50 17.71
N VAL A 123 -15.88 -21.96 18.40
CA VAL A 123 -15.62 -21.20 19.62
C VAL A 123 -15.03 -22.09 20.70
N SER A 124 -15.63 -23.26 20.92
CA SER A 124 -15.25 -24.09 22.06
C SER A 124 -13.92 -24.79 21.85
N SER A 125 -13.67 -25.30 20.65
CA SER A 125 -12.48 -26.09 20.37
C SER A 125 -11.38 -25.32 19.65
N ARG A 126 -11.69 -24.12 19.14
CA ARG A 126 -10.77 -23.30 18.36
C ARG A 126 -10.37 -23.94 17.03
N LYS A 127 -11.06 -25.00 16.61
CA LYS A 127 -10.74 -25.66 15.35
C LYS A 127 -11.01 -24.72 14.18
N LEU A 128 -10.09 -24.69 13.22
CA LEU A 128 -10.23 -23.84 12.04
C LEU A 128 -11.17 -24.53 11.04
N VAL A 129 -12.26 -23.85 10.69
CA VAL A 129 -13.28 -24.42 9.81
C VAL A 129 -13.61 -23.53 8.63
N GLY A 130 -12.99 -22.36 8.50
CA GLY A 130 -13.25 -21.49 7.36
C GLY A 130 -12.13 -20.50 7.15
N PHE A 131 -12.02 -20.02 5.92
CA PHE A 131 -10.95 -19.09 5.56
C PHE A 131 -11.33 -18.31 4.31
N ILE A 132 -10.78 -17.10 4.22
CA ILE A 132 -10.74 -16.33 2.97
C ILE A 132 -9.64 -15.31 3.14
N SER A 133 -9.01 -14.92 2.03
CA SER A 133 -7.85 -14.05 2.09
C SER A 133 -7.95 -12.94 1.04
N ALA A 134 -7.33 -11.82 1.36
CA ALA A 134 -7.10 -10.73 0.42
C ALA A 134 -5.62 -10.36 0.43
N ILE A 135 -5.07 -10.08 -0.75
CA ILE A 135 -3.73 -9.50 -0.86
C ILE A 135 -3.82 -8.29 -1.77
N PRO A 136 -3.03 -7.25 -1.55
CA PRO A 136 -3.14 -6.06 -2.37
C PRO A 136 -2.51 -6.26 -3.73
N ALA A 137 -3.10 -5.61 -4.74
CA ALA A 137 -2.54 -5.66 -6.07
C ALA A 137 -3.00 -4.44 -6.85
N ASN A 138 -2.08 -3.85 -7.60
N ASN A 138 -2.08 -3.85 -7.60
CA ASN A 138 -2.42 -2.80 -8.54
CA ASN A 138 -2.42 -2.81 -8.55
C ASN A 138 -2.81 -3.46 -9.86
C ASN A 138 -2.83 -3.48 -9.86
N ILE A 139 -4.01 -3.14 -10.35
CA ILE A 139 -4.62 -3.80 -11.49
C ILE A 139 -4.86 -2.78 -12.59
N HIS A 140 -4.44 -3.13 -13.80
CA HIS A 140 -4.76 -2.36 -15.00
C HIS A 140 -5.96 -3.04 -15.67
N ILE A 141 -7.06 -2.31 -15.79
CA ILE A 141 -8.27 -2.83 -16.42
C ILE A 141 -8.68 -1.83 -17.50
N TYR A 142 -8.53 -2.24 -18.77
CA TYR A 142 -8.69 -1.36 -19.93
C TYR A 142 -7.85 -0.11 -19.77
N ASP A 143 -8.47 1.06 -19.65
CA ASP A 143 -7.73 2.31 -19.59
C ASP A 143 -7.52 2.84 -18.18
N THR A 144 -7.77 2.02 -17.16
CA THR A 144 -7.69 2.46 -15.77
C THR A 144 -6.75 1.57 -14.98
N GLU A 145 -5.92 2.20 -14.15
CA GLU A 145 -5.11 1.50 -13.16
C GLU A 145 -5.69 1.81 -11.79
N LYS A 146 -6.02 0.75 -11.03
CA LYS A 146 -6.67 0.89 -9.73
C LYS A 146 -5.98 -0.01 -8.71
N LYS A 147 -5.81 0.52 -7.50
CA LYS A 147 -5.41 -0.32 -6.38
C LYS A 147 -6.57 -1.22 -6.00
N MET A 148 -6.34 -2.53 -6.00
CA MET A 148 -7.35 -3.52 -5.69
C MET A 148 -6.79 -4.53 -4.70
N VAL A 149 -7.61 -5.52 -4.36
CA VAL A 149 -7.15 -6.73 -3.70
C VAL A 149 -7.49 -7.91 -4.58
N GLU A 150 -6.69 -8.97 -4.45
CA GLU A 150 -7.01 -10.27 -5.02
C GLU A 150 -7.55 -11.16 -3.92
N ILE A 151 -8.70 -11.79 -4.17
CA ILE A 151 -9.36 -12.65 -3.20
C ILE A 151 -9.08 -14.10 -3.57
N ASN A 152 -8.69 -14.90 -2.59
CA ASN A 152 -8.32 -16.28 -2.87
C ASN A 152 -8.54 -17.13 -1.62
N PHE A 153 -8.55 -18.44 -1.84
CA PHE A 153 -8.56 -19.44 -0.76
C PHE A 153 -9.82 -19.38 0.09
N LEU A 154 -10.95 -19.00 -0.53
CA LEU A 154 -12.24 -19.13 0.14
C LEU A 154 -12.53 -20.60 0.37
N CYS A 155 -12.70 -20.99 1.63
CA CYS A 155 -12.82 -22.41 1.95
C CYS A 155 -13.67 -22.57 3.21
N VAL A 156 -14.69 -23.41 3.12
CA VAL A 156 -15.54 -23.77 4.25
C VAL A 156 -15.45 -25.28 4.45
N HIS A 157 -15.22 -25.70 5.69
CA HIS A 157 -15.11 -27.11 6.03
C HIS A 157 -16.29 -27.90 5.47
N LYS A 158 -16.01 -29.12 5.00
CA LYS A 158 -17.03 -29.94 4.33
C LYS A 158 -18.26 -30.15 5.21
N LYS A 159 -18.07 -30.27 6.52
CA LYS A 159 -19.20 -30.47 7.43
C LYS A 159 -20.01 -29.21 7.67
N LEU A 160 -19.53 -28.05 7.23
CA LEU A 160 -20.19 -26.78 7.44
C LEU A 160 -20.79 -26.21 6.16
N ARG A 161 -20.79 -26.99 5.08
CA ARG A 161 -21.22 -26.51 3.77
C ARG A 161 -22.73 -26.28 3.73
N SER A 162 -23.15 -25.47 2.76
CA SER A 162 -24.57 -25.19 2.50
C SER A 162 -25.27 -24.59 3.71
N LYS A 163 -24.53 -23.83 4.53
CA LYS A 163 -25.09 -23.13 5.68
C LYS A 163 -24.97 -21.61 5.54
N ARG A 164 -24.71 -21.12 4.33
CA ARG A 164 -24.56 -19.70 4.05
C ARG A 164 -23.44 -19.06 4.87
N VAL A 165 -22.38 -19.83 5.15
CA VAL A 165 -21.19 -19.25 5.78
C VAL A 165 -20.36 -18.49 4.76
N ALA A 166 -20.33 -18.95 3.51
CA ALA A 166 -19.51 -18.27 2.50
C ALA A 166 -19.93 -16.81 2.27
N PRO A 167 -21.22 -16.46 2.18
CA PRO A 167 -21.56 -15.03 2.09
C PRO A 167 -21.07 -14.22 3.27
N VAL A 168 -21.05 -14.80 4.48
CA VAL A 168 -20.55 -14.05 5.63
C VAL A 168 -19.05 -13.82 5.51
N LEU A 169 -18.32 -14.84 5.08
CA LEU A 169 -16.89 -14.67 4.83
C LEU A 169 -16.62 -13.59 3.80
N ILE A 170 -17.44 -13.54 2.75
CA ILE A 170 -17.22 -12.57 1.68
C ILE A 170 -17.51 -11.15 2.17
N ARG A 171 -18.61 -10.99 2.91
N ARG A 171 -18.59 -10.98 2.91
CA ARG A 171 -18.94 -9.66 3.44
CA ARG A 171 -18.90 -9.65 3.41
C ARG A 171 -17.90 -9.18 4.46
C ARG A 171 -17.88 -9.18 4.43
N GLU A 172 -17.34 -10.11 5.25
CA GLU A 172 -16.37 -9.71 6.26
C GLU A 172 -15.03 -9.32 5.64
N ILE A 173 -14.54 -10.07 4.65
CA ILE A 173 -13.30 -9.63 4.01
C ILE A 173 -13.54 -8.34 3.25
N THR A 174 -14.74 -8.16 2.68
CA THR A 174 -15.09 -6.90 2.04
C THR A 174 -14.98 -5.75 3.03
N ARG A 175 -15.57 -5.92 4.22
CA ARG A 175 -15.51 -4.90 5.26
C ARG A 175 -14.07 -4.57 5.62
N ARG A 176 -13.24 -5.59 5.83
CA ARG A 176 -11.86 -5.36 6.26
C ARG A 176 -11.02 -4.71 5.15
N VAL A 177 -11.35 -4.95 3.89
CA VAL A 177 -10.66 -4.28 2.79
C VAL A 177 -11.12 -2.83 2.70
N HIS A 178 -12.43 -2.60 2.89
CA HIS A 178 -12.95 -1.23 2.89
C HIS A 178 -12.28 -0.37 3.96
N LEU A 179 -12.04 -0.94 5.14
CA LEU A 179 -11.38 -0.20 6.20
C LEU A 179 -10.01 0.32 5.78
N GLU A 180 -9.37 -0.32 4.81
CA GLU A 180 -8.07 0.11 4.32
C GLU A 180 -8.18 1.01 3.09
N GLY A 181 -9.38 1.44 2.73
CA GLY A 181 -9.54 2.38 1.63
C GLY A 181 -9.50 1.77 0.25
N ILE A 182 -9.79 0.47 0.12
CA ILE A 182 -9.81 -0.21 -1.17
C ILE A 182 -11.23 -0.67 -1.44
N PHE A 183 -11.71 -0.43 -2.66
CA PHE A 183 -13.12 -0.66 -2.97
C PHE A 183 -13.34 -1.48 -4.24
N GLN A 184 -12.28 -2.05 -4.81
CA GLN A 184 -12.39 -2.97 -5.93
C GLN A 184 -11.58 -4.23 -5.63
N ALA A 185 -11.96 -5.33 -6.28
CA ALA A 185 -11.29 -6.62 -6.11
C ALA A 185 -11.33 -7.40 -7.41
N VAL A 186 -10.36 -8.30 -7.56
CA VAL A 186 -10.35 -9.29 -8.63
C VAL A 186 -10.25 -10.68 -8.01
N TYR A 187 -10.90 -11.65 -8.65
CA TYR A 187 -10.94 -13.03 -8.17
C TYR A 187 -11.33 -13.94 -9.33
N THR A 188 -10.97 -15.21 -9.21
CA THR A 188 -11.35 -16.23 -10.18
C THR A 188 -12.11 -17.34 -9.48
N ALA A 189 -12.97 -18.02 -10.25
CA ALA A 189 -13.71 -19.15 -9.73
C ALA A 189 -14.10 -20.09 -10.86
N GLY A 190 -14.20 -21.38 -10.53
CA GLY A 190 -14.65 -22.37 -11.48
C GLY A 190 -16.14 -22.39 -11.71
N VAL A 191 -16.90 -21.63 -10.92
CA VAL A 191 -18.35 -21.56 -11.06
C VAL A 191 -18.72 -20.24 -11.71
N VAL A 192 -19.93 -20.18 -12.26
CA VAL A 192 -20.44 -18.98 -12.93
C VAL A 192 -21.25 -18.17 -11.92
N LEU A 193 -20.88 -16.91 -11.77
CA LEU A 193 -21.51 -15.95 -10.88
C LEU A 193 -21.72 -14.66 -11.66
N PRO A 194 -22.58 -13.77 -11.17
CA PRO A 194 -22.59 -12.43 -11.76
C PRO A 194 -21.29 -11.68 -11.42
N LYS A 195 -20.52 -11.22 -12.41
CA LYS A 195 -20.63 -11.55 -13.82
C LYS A 195 -19.20 -11.65 -14.34
N PRO A 196 -18.86 -12.73 -15.04
CA PRO A 196 -17.46 -12.89 -15.47
C PRO A 196 -17.04 -11.78 -16.41
N VAL A 197 -15.85 -11.24 -16.16
CA VAL A 197 -15.25 -10.32 -17.11
C VAL A 197 -14.53 -11.08 -18.22
N GLY A 198 -14.22 -12.35 -17.99
CA GLY A 198 -13.57 -13.18 -18.99
C GLY A 198 -13.64 -14.65 -18.59
N THR A 199 -13.68 -15.54 -19.58
CA THR A 199 -13.74 -16.97 -19.32
C THR A 199 -12.54 -17.63 -19.99
N CYS A 200 -11.77 -18.37 -19.20
CA CYS A 200 -10.62 -19.11 -19.71
C CYS A 200 -10.83 -20.60 -19.48
N ARG A 201 -10.08 -21.40 -20.22
CA ARG A 201 -10.14 -22.85 -20.11
C ARG A 201 -8.75 -23.39 -19.83
N TYR A 202 -8.67 -24.38 -18.94
CA TYR A 202 -7.40 -25.03 -18.64
C TYR A 202 -7.07 -26.09 -19.68
N TRP A 203 -5.80 -26.11 -20.09
CA TRP A 203 -5.25 -27.15 -20.95
C TRP A 203 -4.13 -27.87 -20.19
N HIS A 204 -3.90 -29.14 -20.55
CA HIS A 204 -2.93 -29.97 -19.85
C HIS A 204 -1.99 -30.64 -20.85
N ARG A 205 -0.72 -30.73 -20.47
CA ARG A 205 0.31 -31.34 -21.31
C ARG A 205 0.96 -32.47 -20.52
N SER A 206 0.72 -33.70 -20.94
CA SER A 206 1.30 -34.86 -20.28
C SER A 206 2.82 -34.83 -20.40
N LEU A 207 3.50 -35.05 -19.28
CA LEU A 207 4.94 -35.21 -19.22
C LEU A 207 5.36 -36.61 -18.79
N ASN A 208 4.62 -37.21 -17.87
CA ASN A 208 4.82 -38.59 -17.43
C ASN A 208 3.51 -39.33 -17.72
N PRO A 209 3.30 -39.75 -18.97
CA PRO A 209 1.99 -40.32 -19.33
C PRO A 209 1.67 -41.61 -18.59
N ARG A 210 2.68 -42.39 -18.21
CA ARG A 210 2.44 -43.64 -17.49
C ARG A 210 1.69 -43.39 -16.20
N LYS A 211 2.21 -42.49 -15.35
CA LYS A 211 1.58 -42.24 -14.06
C LYS A 211 0.20 -41.61 -14.23
N LEU A 212 0.04 -40.72 -15.23
CA LEU A 212 -1.24 -40.08 -15.44
C LEU A 212 -2.33 -41.10 -15.77
N ILE A 213 -1.99 -42.11 -16.58
CA ILE A 213 -2.96 -43.16 -16.90
C ILE A 213 -3.25 -43.99 -15.65
N GLU A 214 -2.23 -44.24 -14.82
CA GLU A 214 -2.42 -45.08 -13.65
C GLU A 214 -3.37 -44.43 -12.65
N VAL A 215 -3.26 -43.11 -12.45
CA VAL A 215 -4.04 -42.41 -11.45
C VAL A 215 -5.34 -41.90 -12.07
N LYS A 216 -5.60 -42.30 -13.32
CA LYS A 216 -6.82 -41.94 -14.04
C LYS A 216 -6.97 -40.43 -14.23
N PHE A 217 -5.87 -39.68 -14.14
CA PHE A 217 -5.89 -38.28 -14.55
C PHE A 217 -6.19 -38.16 -16.04
N SER A 218 -5.55 -39.00 -16.85
CA SER A 218 -5.86 -39.15 -18.25
C SER A 218 -6.18 -40.63 -18.50
N HIS A 219 -6.72 -40.92 -19.68
CA HIS A 219 -7.04 -42.29 -20.04
C HIS A 219 -6.42 -42.61 -21.39
N LEU A 220 -5.89 -43.82 -21.50
CA LEU A 220 -5.28 -44.29 -22.74
C LEU A 220 -6.27 -44.18 -23.88
N SER A 221 -6.14 -43.11 -24.67
CA SER A 221 -7.06 -42.81 -25.75
C SER A 221 -7.06 -43.90 -26.83
N ASN A 223 -7.47 -45.29 -30.41
CA ASN A 223 -6.90 -46.32 -29.57
C ASN A 223 -5.41 -46.45 -29.84
N MET A 224 -4.60 -46.02 -28.87
CA MET A 224 -3.15 -46.17 -28.92
C MET A 224 -2.68 -47.07 -27.79
N THR A 225 -1.52 -47.68 -27.98
CA THR A 225 -0.90 -48.46 -26.91
C THR A 225 -0.27 -47.52 -25.89
N MET A 226 0.09 -48.09 -24.74
CA MET A 226 0.90 -47.36 -23.79
C MET A 226 2.25 -46.99 -24.38
N GLN A 227 2.83 -47.89 -25.18
CA GLN A 227 4.09 -47.59 -25.85
C GLN A 227 3.93 -46.43 -26.82
N ARG A 228 2.86 -46.45 -27.62
CA ARG A 228 2.62 -45.38 -28.59
C ARG A 228 2.36 -44.05 -27.89
N THR A 229 1.72 -44.08 -26.72
CA THR A 229 1.44 -42.84 -26.00
C THR A 229 2.73 -42.21 -25.45
N MET A 230 3.62 -43.02 -24.89
CA MET A 230 4.85 -42.47 -24.33
C MET A 230 5.73 -41.89 -25.42
N LYS A 231 5.76 -42.51 -26.60
CA LYS A 231 6.54 -41.96 -27.70
C LYS A 231 5.95 -40.64 -28.18
N LEU A 232 4.62 -40.52 -28.20
CA LEU A 232 3.98 -39.29 -28.64
C LEU A 232 4.38 -38.11 -27.77
N TYR A 233 4.40 -38.30 -26.45
CA TYR A 233 4.67 -37.22 -25.52
C TYR A 233 6.14 -37.12 -25.13
N ARG A 234 7.01 -37.85 -25.80
CA ARG A 234 8.44 -37.78 -25.49
C ARG A 234 8.97 -36.37 -25.75
N LEU A 235 9.83 -35.90 -24.86
CA LEU A 235 10.44 -34.60 -24.94
C LEU A 235 11.96 -34.73 -24.95
N PRO A 236 12.67 -33.77 -25.54
CA PRO A 236 14.14 -33.77 -25.43
C PRO A 236 14.58 -33.69 -23.98
N GLU A 237 15.82 -34.09 -23.74
CA GLU A 237 16.37 -34.12 -22.39
C GLU A 237 16.94 -32.78 -21.95
N THR A 238 17.22 -31.87 -22.88
CA THR A 238 17.75 -30.56 -22.57
C THR A 238 17.04 -29.52 -23.42
N PRO A 239 16.86 -28.31 -22.91
CA PRO A 239 16.20 -27.26 -23.70
C PRO A 239 17.04 -26.87 -24.91
N LYS A 240 16.37 -26.24 -25.88
CA LYS A 240 17.00 -25.88 -27.14
C LYS A 240 17.45 -24.43 -27.21
N THR A 241 16.87 -23.55 -26.40
CA THR A 241 17.13 -22.12 -26.54
C THR A 241 18.50 -21.75 -26.00
N ALA A 242 19.26 -21.02 -26.81
CA ALA A 242 20.57 -20.52 -26.40
C ALA A 242 20.45 -19.55 -25.24
N GLY A 243 21.27 -19.74 -24.22
CA GLY A 243 21.37 -18.80 -23.12
C GLY A 243 20.36 -18.97 -22.02
N LEU A 244 19.57 -20.03 -22.03
CA LEU A 244 18.56 -20.25 -21.01
C LEU A 244 19.23 -20.60 -19.68
N ARG A 245 18.82 -19.94 -18.61
CA ARG A 245 19.39 -20.18 -17.29
C ARG A 245 18.39 -19.71 -16.23
N PRO A 246 18.50 -20.23 -15.01
CA PRO A 246 17.61 -19.75 -13.92
C PRO A 246 17.76 -18.26 -13.68
N MET A 247 16.65 -17.62 -13.34
CA MET A 247 16.67 -16.21 -12.97
C MET A 247 17.50 -16.01 -11.71
N GLU A 248 18.27 -14.93 -11.69
CA GLU A 248 19.10 -14.56 -10.56
C GLU A 248 18.74 -13.16 -10.08
N THR A 249 19.34 -12.77 -8.96
CA THR A 249 19.04 -11.46 -8.36
C THR A 249 19.32 -10.33 -9.34
N LYS A 250 20.43 -10.42 -10.08
CA LYS A 250 20.76 -9.36 -11.04
C LYS A 250 19.73 -9.24 -12.15
N ASP A 251 18.89 -10.25 -12.36
CA ASP A 251 17.87 -10.22 -13.40
C ASP A 251 16.59 -9.53 -12.98
N ILE A 252 16.42 -9.19 -11.70
CA ILE A 252 15.16 -8.63 -11.24
C ILE A 252 14.75 -7.38 -12.02
N PRO A 253 15.61 -6.38 -12.23
CA PRO A 253 15.16 -5.19 -12.96
C PRO A 253 14.75 -5.47 -14.41
N VAL A 254 15.51 -6.30 -15.13
CA VAL A 254 15.17 -6.52 -16.53
C VAL A 254 13.94 -7.41 -16.66
N VAL A 255 13.73 -8.35 -15.73
CA VAL A 255 12.49 -9.12 -15.72
C VAL A 255 11.31 -8.19 -15.49
N HIS A 256 11.44 -7.28 -14.53
CA HIS A 256 10.40 -6.27 -14.31
C HIS A 256 10.15 -5.44 -15.56
N GLN A 257 11.22 -5.03 -16.24
CA GLN A 257 11.07 -4.22 -17.45
C GLN A 257 10.42 -5.02 -18.56
N LEU A 258 10.88 -6.25 -18.79
CA LEU A 258 10.30 -7.10 -19.83
C LEU A 258 8.82 -7.36 -19.59
N LEU A 259 8.44 -7.62 -18.33
CA LEU A 259 7.06 -7.94 -18.02
C LEU A 259 6.15 -6.73 -18.21
N THR A 260 6.60 -5.56 -17.79
CA THR A 260 5.76 -4.36 -17.86
C THR A 260 5.39 -4.01 -19.29
N ARG A 261 6.35 -4.03 -20.22
N ARG A 261 6.37 -4.04 -20.19
CA ARG A 261 6.03 -3.73 -21.61
CA ARG A 261 6.14 -3.75 -21.59
C ARG A 261 5.15 -4.81 -22.20
C ARG A 261 5.24 -4.81 -22.23
N TYR A 262 5.48 -6.08 -21.91
CA TYR A 262 4.76 -7.18 -22.55
C TYR A 262 3.28 -7.17 -22.18
N LEU A 263 2.98 -6.81 -20.92
CA LEU A 263 1.60 -6.87 -20.46
C LEU A 263 0.72 -5.76 -21.02
N LYS A 264 1.32 -4.71 -21.59
CA LYS A 264 0.53 -3.58 -22.08
C LYS A 264 -0.43 -3.98 -23.20
N GLN A 265 -0.19 -5.11 -23.86
CA GLN A 265 -1.06 -5.53 -24.96
C GLN A 265 -2.34 -6.20 -24.50
N PHE A 266 -2.48 -6.51 -23.21
CA PHE A 266 -3.67 -7.16 -22.69
C PHE A 266 -4.53 -6.14 -21.94
N HIS A 267 -5.76 -6.55 -21.64
CA HIS A 267 -6.75 -5.63 -21.08
C HIS A 267 -6.97 -5.80 -19.57
N LEU A 268 -6.52 -6.90 -18.99
CA LEU A 268 -6.60 -7.12 -17.54
C LEU A 268 -5.26 -7.69 -17.09
N THR A 269 -4.46 -6.88 -16.41
CA THR A 269 -3.09 -7.25 -16.08
C THR A 269 -2.73 -6.74 -14.70
N PRO A 270 -1.74 -7.33 -14.05
CA PRO A 270 -1.17 -6.71 -12.86
C PRO A 270 -0.18 -5.61 -13.24
N VAL A 271 0.00 -4.67 -12.32
CA VAL A 271 1.04 -3.66 -12.43
C VAL A 271 1.95 -3.86 -11.24
N MET A 272 3.10 -4.49 -11.46
CA MET A 272 3.99 -4.90 -10.38
C MET A 272 5.10 -3.87 -10.17
N SER A 273 5.38 -3.58 -8.91
CA SER A 273 6.62 -2.90 -8.57
C SER A 273 7.80 -3.86 -8.73
N GLN A 274 9.01 -3.31 -8.65
CA GLN A 274 10.18 -4.17 -8.74
C GLN A 274 10.26 -5.13 -7.56
N GLU A 275 9.79 -4.70 -6.37
CA GLU A 275 9.77 -5.59 -5.21
C GLU A 275 8.75 -6.71 -5.40
N GLU A 276 7.61 -6.41 -6.02
CA GLU A 276 6.63 -7.45 -6.30
C GLU A 276 7.17 -8.44 -7.34
N VAL A 277 7.90 -7.95 -8.33
CA VAL A 277 8.50 -8.85 -9.31
C VAL A 277 9.45 -9.83 -8.64
N GLU A 278 10.29 -9.33 -7.73
CA GLU A 278 11.17 -10.22 -6.99
C GLU A 278 10.38 -11.27 -6.24
N HIS A 279 9.30 -10.86 -5.57
CA HIS A 279 8.52 -11.82 -4.80
C HIS A 279 7.91 -12.89 -5.70
N TRP A 280 7.28 -12.48 -6.80
CA TRP A 280 6.52 -13.43 -7.60
C TRP A 280 7.40 -14.28 -8.51
N PHE A 281 8.61 -13.84 -8.85
CA PHE A 281 9.40 -14.55 -9.86
C PHE A 281 10.72 -15.12 -9.38
N TYR A 282 11.33 -14.58 -8.33
CA TYR A 282 12.61 -15.12 -7.89
C TYR A 282 12.44 -16.58 -7.50
N PRO A 283 13.24 -17.49 -8.06
CA PRO A 283 12.95 -18.92 -7.92
C PRO A 283 13.00 -19.39 -6.47
N GLN A 284 12.04 -20.24 -6.13
CA GLN A 284 11.97 -20.92 -4.84
C GLN A 284 11.64 -22.37 -5.12
N GLU A 285 12.52 -23.28 -4.70
CA GLU A 285 12.36 -24.68 -5.02
C GLU A 285 11.00 -25.19 -4.55
N ASN A 286 10.30 -25.92 -5.43
CA ASN A 286 8.99 -26.51 -5.17
C ASN A 286 7.90 -25.45 -5.01
N ILE A 287 8.13 -24.23 -5.48
CA ILE A 287 7.14 -23.17 -5.39
C ILE A 287 7.03 -22.46 -6.74
N ILE A 288 8.11 -21.80 -7.15
CA ILE A 288 8.11 -20.98 -8.37
C ILE A 288 9.45 -21.14 -9.06
N ASP A 289 9.42 -21.37 -10.37
CA ASP A 289 10.60 -21.47 -11.21
C ASP A 289 10.53 -20.39 -12.27
N THR A 290 11.62 -19.66 -12.45
CA THR A 290 11.75 -18.66 -13.51
C THR A 290 13.08 -18.86 -14.21
N PHE A 291 13.05 -18.94 -15.54
CA PHE A 291 14.24 -19.06 -16.36
C PHE A 291 14.29 -17.89 -17.34
N VAL A 292 15.46 -17.28 -17.48
CA VAL A 292 15.66 -16.16 -18.38
C VAL A 292 16.50 -16.63 -19.56
N VAL A 293 16.37 -15.93 -20.68
CA VAL A 293 17.23 -16.13 -21.84
C VAL A 293 18.23 -14.98 -21.88
N GLU A 294 19.51 -15.29 -21.70
CA GLU A 294 20.58 -14.31 -21.80
C GLU A 294 21.34 -14.58 -23.11
N ASN A 295 21.29 -13.63 -24.04
CA ASN A 295 21.78 -13.88 -25.38
C ASN A 295 23.30 -13.71 -25.44
N ALA A 296 23.84 -13.77 -26.66
CA ALA A 296 25.29 -13.72 -26.86
C ALA A 296 25.88 -12.36 -26.50
N ASN A 297 25.06 -11.32 -26.40
CA ASN A 297 25.51 -10.00 -25.96
C ASN A 297 25.42 -9.81 -24.46
N GLY A 298 24.93 -10.82 -23.73
CA GLY A 298 24.66 -10.66 -22.31
C GLY A 298 23.33 -10.02 -21.98
N GLU A 299 22.48 -9.77 -22.96
CA GLU A 299 21.19 -9.13 -22.76
C GLU A 299 20.12 -10.18 -22.46
N VAL A 300 19.36 -9.96 -21.39
CA VAL A 300 18.20 -10.80 -21.08
C VAL A 300 17.04 -10.33 -21.96
N THR A 301 16.55 -11.24 -22.80
CA THR A 301 15.54 -10.89 -23.80
C THR A 301 14.21 -11.60 -23.64
N ASP A 302 14.15 -12.68 -22.87
CA ASP A 302 12.91 -13.44 -22.69
C ASP A 302 12.95 -14.08 -21.30
N PHE A 303 11.78 -14.52 -20.84
CA PHE A 303 11.76 -15.39 -19.67
C PHE A 303 10.49 -16.21 -19.66
N LEU A 304 10.57 -17.36 -18.99
CA LEU A 304 9.46 -18.26 -18.76
C LEU A 304 9.36 -18.54 -17.28
N SER A 305 8.15 -18.83 -16.81
CA SER A 305 7.96 -19.15 -15.40
C SER A 305 6.75 -20.05 -15.22
N PHE A 306 6.82 -20.89 -14.20
CA PHE A 306 5.73 -21.78 -13.83
C PHE A 306 5.82 -22.08 -12.34
N TYR A 307 4.66 -22.22 -11.69
CA TYR A 307 4.66 -22.53 -10.27
C TYR A 307 4.24 -23.98 -10.03
N THR A 308 4.58 -24.46 -8.83
CA THR A 308 4.40 -25.86 -8.45
C THR A 308 3.13 -25.98 -7.60
N LEU A 309 2.22 -26.86 -8.01
CA LEU A 309 1.03 -27.13 -7.22
C LEU A 309 0.62 -28.57 -7.39
N PRO A 310 1.06 -29.46 -6.49
CA PRO A 310 0.65 -30.86 -6.57
C PRO A 310 -0.80 -31.05 -6.13
N SER A 311 -1.32 -32.24 -6.42
CA SER A 311 -2.70 -32.57 -6.09
C SER A 311 -2.78 -33.94 -5.42
N THR A 312 -3.47 -33.98 -4.29
CA THR A 312 -3.74 -35.25 -3.63
C THR A 312 -4.59 -36.13 -4.53
N ILE A 313 -4.17 -37.37 -4.69
CA ILE A 313 -4.98 -38.37 -5.39
C ILE A 313 -6.02 -38.88 -4.40
N MET A 314 -7.27 -38.46 -4.59
CA MET A 314 -8.28 -38.63 -3.55
C MET A 314 -8.61 -40.10 -3.30
N ASN A 315 -8.77 -40.89 -4.37
CA ASN A 315 -9.15 -42.28 -4.20
C ASN A 315 -8.02 -43.12 -3.60
N HIS A 316 -6.77 -42.81 -3.95
CA HIS A 316 -5.62 -43.41 -3.31
C HIS A 316 -4.86 -42.33 -2.55
N PRO A 317 -5.39 -41.85 -1.42
CA PRO A 317 -4.76 -40.70 -0.75
C PRO A 317 -3.50 -41.04 0.04
N THR A 318 -3.17 -42.33 0.16
CA THR A 318 -1.91 -42.71 0.77
C THR A 318 -0.72 -42.37 -0.14
N HIS A 319 -0.92 -42.46 -1.44
CA HIS A 319 0.17 -42.58 -2.40
C HIS A 319 0.75 -41.22 -2.75
N LYS A 320 1.75 -41.23 -3.63
CA LYS A 320 2.38 -39.99 -4.07
C LYS A 320 1.39 -39.11 -4.80
N SER A 321 1.40 -37.82 -4.48
CA SER A 321 0.48 -36.90 -5.10
C SER A 321 0.89 -36.61 -6.54
N LEU A 322 -0.09 -36.19 -7.33
CA LEU A 322 0.16 -35.81 -8.71
C LEU A 322 0.90 -34.47 -8.73
N LYS A 323 2.09 -34.45 -9.33
CA LYS A 323 2.93 -33.27 -9.35
C LYS A 323 2.69 -32.49 -10.64
N ALA A 324 2.19 -31.26 -10.50
CA ALA A 324 1.76 -30.46 -11.63
C ALA A 324 2.47 -29.11 -11.64
N ALA A 325 2.86 -28.66 -12.82
CA ALA A 325 3.39 -27.32 -13.03
C ALA A 325 2.31 -26.48 -13.71
N TYR A 326 2.21 -25.21 -13.30
CA TYR A 326 1.24 -24.29 -13.87
C TYR A 326 1.96 -23.13 -14.53
N SER A 327 1.67 -22.89 -15.80
CA SER A 327 2.23 -21.75 -16.50
C SER A 327 1.88 -20.46 -15.75
N PHE A 328 2.87 -19.59 -15.61
CA PHE A 328 2.71 -18.33 -14.89
C PHE A 328 2.72 -17.18 -15.90
N TYR A 329 3.84 -16.46 -16.00
CA TYR A 329 3.99 -15.43 -17.02
C TYR A 329 5.19 -15.77 -17.90
N ASN A 330 4.98 -15.67 -19.22
CA ASN A 330 6.01 -15.99 -20.21
C ASN A 330 6.12 -14.82 -21.17
N VAL A 331 7.30 -14.18 -21.18
CA VAL A 331 7.54 -12.97 -21.97
C VAL A 331 8.58 -13.28 -23.03
N HIS A 332 8.27 -12.94 -24.27
CA HIS A 332 9.15 -13.19 -25.41
C HIS A 332 9.35 -11.90 -26.17
N THR A 333 10.61 -11.55 -26.43
CA THR A 333 10.95 -10.46 -27.35
C THR A 333 11.91 -10.87 -28.44
N GLN A 334 12.71 -11.92 -28.25
CA GLN A 334 13.63 -12.44 -29.27
C GLN A 334 13.44 -13.92 -29.54
N THR A 335 13.13 -14.71 -28.53
CA THR A 335 12.87 -16.13 -28.71
C THR A 335 11.40 -16.33 -29.07
N PRO A 336 11.10 -17.12 -30.10
CA PRO A 336 9.69 -17.41 -30.41
C PRO A 336 9.00 -18.06 -29.22
N LEU A 337 7.77 -17.62 -28.95
CA LEU A 337 7.03 -18.14 -27.80
C LEU A 337 6.89 -19.65 -27.88
N LEU A 338 6.71 -20.18 -29.09
CA LEU A 338 6.61 -21.63 -29.26
C LEU A 338 7.86 -22.34 -28.73
N ASP A 339 9.05 -21.78 -29.01
CA ASP A 339 10.27 -22.39 -28.52
C ASP A 339 10.43 -22.20 -27.02
N LEU A 340 10.05 -21.03 -26.51
CA LEU A 340 10.10 -20.76 -25.08
C LEU A 340 9.28 -21.79 -24.30
N MET A 341 8.06 -22.05 -24.75
CA MET A 341 7.19 -22.99 -24.04
C MET A 341 7.65 -24.43 -24.21
N SER A 342 8.28 -24.76 -25.34
N SER A 342 8.27 -24.77 -25.34
CA SER A 342 8.85 -26.09 -25.48
CA SER A 342 8.85 -26.09 -25.48
C SER A 342 9.94 -26.33 -24.45
C SER A 342 9.93 -26.33 -24.43
N ASP A 343 10.74 -25.30 -24.16
CA ASP A 343 11.76 -25.44 -23.12
C ASP A 343 11.14 -25.50 -21.74
N ALA A 344 10.04 -24.77 -21.53
CA ALA A 344 9.30 -24.89 -20.27
C ALA A 344 8.86 -26.32 -20.03
N LEU A 345 8.35 -27.00 -21.07
CA LEU A 345 7.96 -28.40 -20.93
C LEU A 345 9.16 -29.28 -20.59
N VAL A 346 10.27 -29.08 -21.30
CA VAL A 346 11.47 -29.89 -21.06
C VAL A 346 11.98 -29.67 -19.65
N LEU A 347 12.03 -28.41 -19.21
CA LEU A 347 12.49 -28.11 -17.85
C LEU A 347 11.57 -28.74 -16.80
N ALA A 348 10.25 -28.66 -17.01
CA ALA A 348 9.32 -29.25 -16.06
C ALA A 348 9.49 -30.77 -16.01
N LYS A 349 9.67 -31.40 -17.17
CA LYS A 349 9.95 -32.84 -17.21
C LYS A 349 11.22 -33.17 -16.43
N MET A 350 12.30 -32.41 -16.66
CA MET A 350 13.54 -32.63 -15.94
C MET A 350 13.34 -32.55 -14.43
N LYS A 351 12.52 -31.61 -13.97
CA LYS A 351 12.31 -31.42 -12.54
C LYS A 351 11.31 -32.40 -11.94
N GLY A 352 10.83 -33.36 -12.72
CA GLY A 352 9.98 -34.41 -12.19
C GLY A 352 8.50 -34.12 -12.14
N PHE A 353 8.02 -33.12 -12.88
CA PHE A 353 6.60 -32.87 -12.94
C PHE A 353 5.91 -33.92 -13.80
N ASP A 354 4.68 -34.27 -13.41
CA ASP A 354 3.90 -35.24 -14.16
C ASP A 354 3.05 -34.60 -15.26
N VAL A 355 2.61 -33.36 -15.06
CA VAL A 355 1.77 -32.67 -16.03
C VAL A 355 2.08 -31.19 -15.99
N PHE A 356 1.92 -30.52 -17.12
CA PHE A 356 2.13 -29.08 -17.27
C PHE A 356 0.80 -28.46 -17.68
N ASN A 357 0.28 -27.55 -16.85
CA ASN A 357 -1.02 -26.93 -17.06
C ASN A 357 -0.86 -25.48 -17.50
N ALA A 358 -1.72 -25.07 -18.43
CA ALA A 358 -1.74 -23.69 -18.89
C ALA A 358 -3.18 -23.31 -19.24
N LEU A 359 -3.50 -22.03 -19.06
CA LEU A 359 -4.76 -21.46 -19.50
C LEU A 359 -4.63 -20.98 -20.94
N ASP A 360 -5.77 -20.71 -21.57
CA ASP A 360 -5.81 -20.19 -22.93
C ASP A 360 -5.80 -18.68 -22.97
N LEU A 361 -5.35 -18.01 -21.91
CA LEU A 361 -5.28 -16.56 -21.90
C LEU A 361 -4.00 -16.08 -22.56
N MET A 362 -3.81 -14.75 -22.57
CA MET A 362 -2.69 -14.10 -23.24
C MET A 362 -2.51 -14.69 -24.63
N GLU A 363 -1.29 -15.04 -25.03
CA GLU A 363 -1.07 -15.60 -26.36
C GLU A 363 -0.97 -17.12 -26.35
N ASN A 364 -1.54 -17.78 -25.34
CA ASN A 364 -1.28 -19.21 -25.15
C ASN A 364 -1.91 -20.06 -26.24
N LYS A 365 -3.02 -19.60 -26.83
CA LYS A 365 -3.66 -20.38 -27.90
C LYS A 365 -2.73 -20.59 -29.10
N THR A 366 -1.70 -19.75 -29.26
CA THR A 366 -0.78 -19.92 -30.37
C THR A 366 0.10 -21.15 -30.23
N PHE A 367 0.22 -21.73 -29.02
CA PHE A 367 1.09 -22.89 -28.84
C PHE A 367 0.42 -24.10 -28.23
N LEU A 368 -0.81 -24.00 -27.72
CA LEU A 368 -1.40 -25.09 -26.96
C LEU A 368 -1.53 -26.36 -27.80
N GLU A 369 -2.19 -26.27 -28.96
CA GLU A 369 -2.35 -27.45 -29.79
C GLU A 369 -1.01 -27.95 -30.32
N LYS A 370 -0.16 -27.02 -30.80
CA LYS A 370 1.10 -27.42 -31.42
C LYS A 370 1.99 -28.21 -30.46
N LEU A 371 1.99 -27.84 -29.18
CA LEU A 371 2.81 -28.53 -28.20
C LEU A 371 2.08 -29.68 -27.53
N LYS A 372 0.95 -30.10 -28.10
CA LYS A 372 0.23 -31.31 -27.71
C LYS A 372 -0.44 -31.20 -26.34
N PHE A 373 -0.86 -29.99 -25.96
CA PHE A 373 -1.77 -29.84 -24.84
C PHE A 373 -3.14 -30.42 -25.22
N GLY A 374 -3.82 -30.99 -24.24
CA GLY A 374 -5.20 -31.43 -24.40
C GLY A 374 -6.10 -30.53 -23.57
N ILE A 375 -7.30 -30.27 -24.08
CA ILE A 375 -8.21 -29.34 -23.42
C ILE A 375 -8.81 -30.01 -22.19
N GLY A 376 -8.87 -29.27 -21.09
CA GLY A 376 -9.45 -29.79 -19.88
C GLY A 376 -10.94 -29.54 -19.81
N ASP A 377 -11.55 -30.10 -18.76
CA ASP A 377 -12.97 -29.87 -18.50
C ASP A 377 -13.13 -28.71 -17.54
N GLY A 378 -14.19 -27.94 -17.73
CA GLY A 378 -14.48 -26.83 -16.84
C GLY A 378 -13.69 -25.58 -17.13
N ASN A 379 -14.28 -24.42 -16.84
CA ASN A 379 -13.67 -23.13 -17.13
C ASN A 379 -13.12 -22.48 -15.86
N LEU A 380 -12.33 -21.44 -16.07
CA LEU A 380 -11.92 -20.52 -15.01
C LEU A 380 -12.49 -19.15 -15.35
N GLN A 381 -13.44 -18.70 -14.56
CA GLN A 381 -14.05 -17.39 -14.75
C GLN A 381 -13.26 -16.34 -13.99
N TYR A 382 -13.06 -15.18 -14.63
CA TYR A 382 -12.43 -14.03 -13.99
C TYR A 382 -13.50 -13.00 -13.65
N TYR A 383 -13.37 -12.39 -12.47
CA TYR A 383 -14.38 -11.46 -11.97
C TYR A 383 -13.74 -10.21 -11.40
N LEU A 384 -14.46 -9.10 -11.52
CA LEU A 384 -14.14 -7.86 -10.82
C LEU A 384 -15.29 -7.51 -9.90
N TYR A 385 -14.95 -7.02 -8.71
CA TYR A 385 -15.92 -6.58 -7.72
C TYR A 385 -15.97 -5.06 -7.73
N ASN A 386 -17.18 -4.50 -7.85
CA ASN A 386 -17.41 -3.05 -7.88
C ASN A 386 -16.68 -2.39 -9.03
N TRP A 387 -16.62 -3.07 -10.17
CA TRP A 387 -16.09 -2.44 -11.39
C TRP A 387 -16.84 -3.01 -12.57
N LYS A 388 -17.62 -2.16 -13.23
CA LYS A 388 -18.47 -2.55 -14.35
C LYS A 388 -17.77 -2.16 -15.64
N CYS A 389 -17.42 -3.15 -16.46
CA CYS A 389 -16.70 -2.92 -17.70
C CYS A 389 -17.07 -4.02 -18.68
N PRO A 390 -16.83 -3.82 -19.98
CA PRO A 390 -17.15 -4.87 -20.95
C PRO A 390 -16.34 -6.13 -20.68
N SER A 391 -16.93 -7.27 -21.02
CA SER A 391 -16.16 -8.51 -20.96
C SER A 391 -15.13 -8.54 -22.08
N MET A 392 -14.20 -9.48 -21.99
CA MET A 392 -13.13 -9.60 -22.97
C MET A 392 -12.91 -11.07 -23.27
N GLY A 393 -12.31 -11.33 -24.44
CA GLY A 393 -11.89 -12.68 -24.76
C GLY A 393 -10.71 -13.12 -23.92
N ALA A 394 -10.52 -14.44 -23.86
CA ALA A 394 -9.44 -15.00 -23.06
C ALA A 394 -8.08 -14.44 -23.46
N GLU A 395 -7.87 -14.22 -24.78
CA GLU A 395 -6.57 -13.75 -25.24
C GLU A 395 -6.25 -12.34 -24.79
N LYS A 396 -7.21 -11.62 -24.21
CA LYS A 396 -6.96 -10.29 -23.66
C LYS A 396 -6.78 -10.31 -22.16
N VAL A 397 -6.97 -11.45 -21.51
CA VAL A 397 -6.71 -11.59 -20.07
C VAL A 397 -5.21 -11.82 -19.90
N GLY A 398 -4.56 -10.96 -19.13
CA GLY A 398 -3.14 -11.07 -18.87
C GLY A 398 -2.83 -11.09 -17.39
N LEU A 399 -3.63 -11.85 -16.64
CA LEU A 399 -3.53 -11.94 -15.19
C LEU A 399 -3.62 -13.40 -14.79
N VAL A 400 -2.63 -13.87 -14.03
CA VAL A 400 -2.58 -15.24 -13.55
C VAL A 400 -2.53 -15.21 -12.03
N LEU A 401 -3.54 -15.80 -11.39
CA LEU A 401 -3.59 -15.95 -9.95
C LEU A 401 -3.19 -17.38 -9.56
N GLN A 402 -2.88 -17.56 -8.29
CA GLN A 402 -2.41 -18.87 -7.80
C GLN A 402 -3.53 -19.70 -7.18
N PRO B 11 21.60 28.05 1.77
CA PRO B 11 20.17 27.91 2.03
C PRO B 11 19.41 29.22 1.85
N ALA B 12 18.38 29.21 1.02
CA ALA B 12 17.58 30.40 0.76
C ALA B 12 16.26 30.29 1.52
N LYS B 13 16.02 31.23 2.42
CA LYS B 13 14.73 31.32 3.11
C LYS B 13 13.81 32.35 2.49
N THR B 14 14.28 33.12 1.52
CA THR B 14 13.47 34.07 0.77
C THR B 14 13.32 33.58 -0.67
N MET B 15 12.25 34.03 -1.31
CA MET B 15 12.18 33.89 -2.77
C MET B 15 13.19 34.81 -3.45
N GLU B 16 13.61 35.89 -2.76
CA GLU B 16 14.63 36.78 -3.32
C GLU B 16 15.99 36.10 -3.32
N GLU B 17 16.41 35.54 -2.19
CA GLU B 17 17.70 34.85 -2.11
C GLU B 17 17.72 33.57 -2.94
N ALA B 18 16.56 33.04 -3.32
CA ALA B 18 16.51 31.77 -4.02
C ALA B 18 16.73 31.94 -5.51
N SER B 19 16.09 32.94 -6.14
CA SER B 19 16.22 33.12 -7.57
C SER B 19 17.63 33.55 -7.97
N LYS B 20 18.43 34.06 -7.04
CA LYS B 20 19.82 34.33 -7.32
C LYS B 20 20.68 33.07 -7.21
N ARG B 21 20.20 32.06 -6.49
CA ARG B 21 20.94 30.83 -6.26
C ARG B 21 20.96 29.93 -7.50
N SER B 22 21.93 29.04 -7.53
CA SER B 22 21.93 27.89 -8.42
C SER B 22 21.81 26.63 -7.57
N TYR B 23 21.11 25.63 -8.10
CA TYR B 23 20.78 24.42 -7.35
C TYR B 23 21.45 23.23 -8.03
N GLN B 24 22.69 22.93 -7.61
CA GLN B 24 23.43 21.86 -8.25
C GLN B 24 22.72 20.51 -8.13
N PHE B 25 22.11 20.25 -6.97
CA PHE B 25 21.40 18.99 -6.80
C PHE B 25 20.01 19.04 -7.42
N TRP B 26 19.20 20.03 -7.04
CA TRP B 26 17.80 20.04 -7.46
C TRP B 26 17.63 20.25 -8.97
N ASP B 27 18.62 20.84 -9.65
CA ASP B 27 18.56 20.90 -11.12
C ASP B 27 18.55 19.52 -11.74
N THR B 28 19.11 18.53 -11.06
CA THR B 28 19.16 17.17 -11.59
C THR B 28 17.90 16.37 -11.31
N GLN B 29 16.98 16.91 -10.51
CA GLN B 29 15.81 16.19 -10.05
C GLN B 29 14.59 16.52 -10.89
N PRO B 30 13.54 15.58 -10.91
CA PRO B 30 12.32 15.85 -11.72
C PRO B 30 11.34 16.78 -11.01
N VAL B 31 11.76 18.03 -10.85
CA VAL B 31 10.91 19.09 -10.32
C VAL B 31 10.99 20.28 -11.27
N PRO B 32 9.96 21.14 -11.27
CA PRO B 32 10.01 22.33 -12.12
C PRO B 32 11.07 23.31 -11.65
N LYS B 33 11.60 24.07 -12.60
CA LYS B 33 12.60 25.09 -12.27
C LYS B 33 11.94 26.25 -11.53
N LEU B 34 12.73 26.88 -10.65
CA LEU B 34 12.21 27.94 -9.79
C LEU B 34 11.64 29.11 -10.58
N GLY B 35 12.20 29.38 -11.76
CA GLY B 35 11.79 30.54 -12.54
C GLY B 35 10.48 30.40 -13.28
N GLU B 36 10.25 29.24 -13.89
CA GLU B 36 9.12 29.11 -14.80
C GLU B 36 7.78 29.08 -14.05
N VAL B 37 6.71 29.28 -14.81
CA VAL B 37 5.34 29.10 -14.34
C VAL B 37 4.78 27.86 -15.02
N VAL B 38 4.04 27.04 -14.27
CA VAL B 38 3.53 25.77 -14.75
C VAL B 38 2.07 25.95 -15.14
N ASN B 39 1.73 25.52 -16.35
CA ASN B 39 0.35 25.54 -16.84
C ASN B 39 -0.10 24.17 -17.30
N THR B 40 0.62 23.12 -16.92
CA THR B 40 0.27 21.74 -17.25
C THR B 40 -0.01 20.97 -15.96
N HIS B 41 -0.48 19.73 -16.14
CA HIS B 41 -0.80 18.84 -15.02
C HIS B 41 -0.28 17.45 -15.33
N GLY B 42 0.65 16.96 -14.52
CA GLY B 42 1.13 15.61 -14.66
C GLY B 42 2.57 15.40 -14.25
N PRO B 43 3.07 14.19 -14.48
CA PRO B 43 4.44 13.86 -14.03
C PRO B 43 5.49 14.66 -14.77
N VAL B 44 6.62 14.86 -14.10
CA VAL B 44 7.77 15.47 -14.78
C VAL B 44 8.47 14.45 -15.66
N GLU B 45 8.54 13.20 -15.22
CA GLU B 45 9.14 12.12 -15.99
C GLU B 45 8.29 10.87 -15.84
N PRO B 46 8.35 9.95 -16.81
CA PRO B 46 7.55 8.73 -16.71
C PRO B 46 8.06 7.83 -15.60
N ASP B 47 7.19 6.91 -15.17
CA ASP B 47 7.60 5.90 -14.21
C ASP B 47 8.74 5.06 -14.78
N LYS B 48 9.74 4.79 -13.95
CA LYS B 48 10.86 3.95 -14.34
C LYS B 48 10.46 2.48 -14.21
N ASP B 49 10.75 1.69 -15.24
CA ASP B 49 10.45 0.26 -15.21
C ASP B 49 11.66 -0.60 -14.90
N ASN B 50 12.81 0.00 -14.59
CA ASN B 50 13.92 -0.71 -13.97
C ASN B 50 14.59 0.22 -12.98
N ILE B 51 14.80 -0.26 -11.76
CA ILE B 51 15.28 0.55 -10.66
C ILE B 51 16.65 0.05 -10.22
N ARG B 52 17.54 1.00 -9.95
N ARG B 52 17.54 1.00 -9.91
CA ARG B 52 18.87 0.67 -9.46
CA ARG B 52 18.86 0.71 -9.36
C ARG B 52 18.80 -0.16 -8.19
C ARG B 52 18.76 -0.19 -8.14
N GLN B 53 19.45 -1.33 -8.19
CA GLN B 53 19.36 -2.30 -7.10
C GLN B 53 20.32 -2.02 -5.96
N GLU B 54 21.41 -1.31 -6.21
CA GLU B 54 22.44 -1.08 -5.21
C GLU B 54 22.20 0.24 -4.49
N PRO B 55 22.36 0.26 -3.17
CA PRO B 55 22.30 1.54 -2.44
C PRO B 55 23.35 2.50 -2.95
N TYR B 56 23.05 3.78 -2.88
CA TYR B 56 24.02 4.79 -3.27
C TYR B 56 25.20 4.78 -2.31
N THR B 57 26.38 5.09 -2.85
N THR B 57 26.39 5.05 -2.84
CA THR B 57 27.60 5.09 -2.06
CA THR B 57 27.60 4.99 -2.02
C THR B 57 27.62 6.25 -1.09
C THR B 57 27.71 6.21 -1.13
N LEU B 58 28.02 5.99 0.15
CA LEU B 58 28.24 7.01 1.15
C LEU B 58 29.73 7.30 1.26
N PRO B 59 30.10 8.46 1.79
CA PRO B 59 31.53 8.73 2.01
C PRO B 59 32.15 7.68 2.92
N GLN B 60 33.49 7.59 2.84
CA GLN B 60 34.22 6.54 3.54
C GLN B 60 33.98 6.57 5.04
N GLY B 61 33.71 5.40 5.61
CA GLY B 61 33.51 5.27 7.03
C GLY B 61 32.07 5.35 7.50
N PHE B 62 31.11 5.35 6.59
CA PHE B 62 29.69 5.46 6.93
C PHE B 62 28.91 4.37 6.20
N THR B 63 27.82 3.92 6.81
CA THR B 63 27.04 2.83 6.27
C THR B 63 25.55 3.10 6.45
N TRP B 64 24.75 2.52 5.55
CA TRP B 64 23.30 2.58 5.67
C TRP B 64 22.83 1.65 6.77
N ASP B 65 21.70 2.00 7.38
CA ASP B 65 21.07 1.14 8.37
C ASP B 65 19.60 1.51 8.50
N ALA B 66 18.71 0.58 8.18
CA ALA B 66 17.29 0.80 8.38
C ALA B 66 16.96 0.65 9.87
N LEU B 67 16.27 1.64 10.42
CA LEU B 67 16.03 1.70 11.85
C LEU B 67 14.72 1.02 12.20
N ASP B 68 14.81 -0.05 12.98
CA ASP B 68 13.63 -0.72 13.53
C ASP B 68 13.19 0.07 14.76
N LEU B 69 12.17 0.91 14.59
CA LEU B 69 11.72 1.77 15.68
C LEU B 69 10.96 1.01 16.75
N GLY B 70 10.62 -0.26 16.52
CA GLY B 70 10.12 -1.11 17.59
C GLY B 70 11.18 -1.50 18.59
N ASP B 71 12.45 -1.34 18.25
CA ASP B 71 13.55 -1.49 19.20
C ASP B 71 13.68 -0.19 19.99
N ARG B 72 13.38 -0.25 21.29
CA ARG B 72 13.36 0.96 22.10
C ARG B 72 14.73 1.65 22.10
N GLY B 73 15.81 0.87 22.09
CA GLY B 73 17.13 1.46 22.03
C GLY B 73 17.38 2.20 20.73
N VAL B 74 16.93 1.63 19.61
CA VAL B 74 17.10 2.30 18.32
C VAL B 74 16.25 3.56 18.25
N LEU B 75 15.00 3.47 18.72
CA LEU B 75 14.14 4.65 18.75
C LEU B 75 14.77 5.77 19.56
N LYS B 76 15.44 5.42 20.67
CA LYS B 76 16.08 6.44 21.49
C LYS B 76 17.27 7.07 20.77
N GLU B 77 18.00 6.29 19.97
CA GLU B 77 19.07 6.87 19.17
C GLU B 77 18.53 7.90 18.18
N LEU B 78 17.38 7.61 17.57
CA LEU B 78 16.78 8.54 16.63
C LEU B 78 16.29 9.79 17.34
N TYR B 79 15.63 9.61 18.49
CA TYR B 79 15.24 10.75 19.31
C TYR B 79 16.43 11.67 19.56
N THR B 80 17.56 11.08 19.97
CA THR B 80 18.73 11.88 20.31
C THR B 80 19.30 12.59 19.09
N LEU B 81 19.38 11.91 17.96
CA LEU B 81 19.87 12.55 16.74
C LEU B 81 19.03 13.77 16.40
N LEU B 82 17.70 13.62 16.42
CA LEU B 82 16.83 14.75 16.10
C LEU B 82 16.85 15.81 17.20
N ASN B 83 16.85 15.37 18.47
CA ASN B 83 16.86 16.33 19.57
C ASN B 83 18.06 17.27 19.51
N GLU B 84 19.19 16.78 18.99
CA GLU B 84 20.42 17.57 18.98
C GLU B 84 20.73 18.19 17.63
N ASN B 85 20.10 17.73 16.54
CA ASN B 85 20.51 18.16 15.21
C ASN B 85 19.38 18.53 14.26
N TYR B 86 18.12 18.51 14.68
CA TYR B 86 17.02 18.73 13.75
C TYR B 86 16.75 20.23 13.62
N VAL B 87 15.55 20.61 13.16
CA VAL B 87 15.29 21.96 12.71
C VAL B 87 15.36 22.93 13.87
N GLU B 88 16.08 24.04 13.67
CA GLU B 88 16.13 25.16 14.60
C GLU B 88 15.48 26.39 13.95
N ASP B 89 15.16 27.36 14.79
CA ASP B 89 14.71 28.65 14.28
C ASP B 89 15.88 29.41 13.67
N ASP B 90 15.57 30.51 12.99
CA ASP B 90 16.60 31.26 12.28
C ASP B 90 17.64 31.88 13.20
N ASP B 91 17.31 32.09 14.47
CA ASP B 91 18.25 32.68 15.41
C ASP B 91 18.97 31.66 16.28
N ASN B 92 18.75 30.36 16.03
CA ASN B 92 19.42 29.28 16.77
C ASN B 92 19.12 29.38 18.27
N MET B 93 17.88 29.70 18.60
CA MET B 93 17.42 29.78 19.99
C MET B 93 16.54 28.61 20.40
N PHE B 94 15.84 27.99 19.44
CA PHE B 94 14.94 26.89 19.71
C PHE B 94 15.16 25.78 18.70
N ARG B 95 14.94 24.54 19.14
CA ARG B 95 15.06 23.36 18.28
C ARG B 95 13.94 22.39 18.60
N PHE B 96 13.34 21.81 17.56
CA PHE B 96 12.27 20.84 17.76
C PHE B 96 12.73 19.70 18.66
N ASP B 97 11.81 19.19 19.48
CA ASP B 97 12.10 18.12 20.43
C ASP B 97 11.01 17.06 20.33
N TYR B 98 10.93 16.43 19.16
CA TYR B 98 9.98 15.33 18.93
C TYR B 98 10.22 14.21 19.93
N SER B 99 9.17 13.82 20.65
CA SER B 99 9.29 12.76 21.63
C SER B 99 9.40 11.40 20.93
N PRO B 100 9.90 10.37 21.64
CA PRO B 100 9.96 9.04 21.02
C PRO B 100 8.60 8.50 20.65
N GLU B 101 7.60 8.70 21.51
CA GLU B 101 6.25 8.23 21.22
C GLU B 101 5.64 8.99 20.04
N PHE B 102 5.94 10.29 19.92
CA PHE B 102 5.52 11.05 18.76
C PHE B 102 6.13 10.48 17.49
N LEU B 103 7.42 10.16 17.52
CA LEU B 103 8.09 9.62 16.34
C LEU B 103 7.45 8.31 15.90
N LEU B 104 7.07 7.45 16.85
CA LEU B 104 6.36 6.23 16.51
C LEU B 104 5.03 6.52 15.82
N TRP B 105 4.31 7.53 16.31
CA TRP B 105 3.06 7.95 15.68
C TRP B 105 3.30 8.43 14.25
N ALA B 106 4.33 9.26 14.06
CA ALA B 106 4.56 9.88 12.76
C ALA B 106 5.16 8.91 11.75
N LEU B 107 5.93 7.93 12.21
CA LEU B 107 6.71 7.07 11.33
C LEU B 107 6.12 5.67 11.15
N ARG B 108 5.14 5.29 11.97
CA ARG B 108 4.49 4.00 11.74
C ARG B 108 2.99 4.14 11.50
N PRO B 109 2.55 4.93 10.52
CA PRO B 109 1.13 4.90 10.14
C PRO B 109 0.84 3.66 9.33
N PRO B 110 -0.42 3.39 9.01
CA PRO B 110 -0.73 2.21 8.19
C PRO B 110 0.06 2.21 6.89
N GLY B 111 0.67 1.07 6.58
CA GLY B 111 1.46 0.91 5.39
C GLY B 111 2.92 1.27 5.52
N TRP B 112 3.38 1.61 6.72
CA TRP B 112 4.78 1.97 6.92
C TRP B 112 5.68 0.80 6.58
N LEU B 113 6.90 1.10 6.13
CA LEU B 113 7.86 0.09 5.76
C LEU B 113 9.17 0.30 6.50
N PRO B 114 9.81 -0.78 6.97
CA PRO B 114 11.09 -0.62 7.67
C PRO B 114 12.18 0.02 6.82
N GLN B 115 12.27 -0.34 5.55
CA GLN B 115 13.31 0.21 4.68
C GLN B 115 13.15 1.69 4.44
N TRP B 116 11.96 2.25 4.71
CA TRP B 116 11.72 3.68 4.54
C TRP B 116 12.07 4.49 5.78
N HIS B 117 12.68 3.87 6.79
CA HIS B 117 13.28 4.58 7.93
C HIS B 117 14.78 4.51 7.73
N CYS B 118 15.30 5.41 6.91
CA CYS B 118 16.62 5.27 6.30
C CYS B 118 17.67 6.01 7.14
N GLY B 119 18.48 5.25 7.88
CA GLY B 119 19.49 5.82 8.73
C GLY B 119 20.90 5.67 8.18
N VAL B 120 21.79 6.53 8.69
CA VAL B 120 23.22 6.50 8.39
C VAL B 120 23.98 6.40 9.70
N ARG B 121 24.88 5.43 9.78
CA ARG B 121 25.68 5.21 10.99
C ARG B 121 27.17 5.28 10.66
N VAL B 122 27.96 5.70 11.65
CA VAL B 122 29.40 5.60 11.54
C VAL B 122 29.81 4.15 11.68
N VAL B 123 30.66 3.68 10.75
CA VAL B 123 31.01 2.26 10.73
C VAL B 123 31.69 1.84 12.04
N SER B 124 32.58 2.68 12.55
CA SER B 124 33.39 2.30 13.70
C SER B 124 32.60 2.36 15.01
N SER B 125 31.91 3.47 15.27
CA SER B 125 31.24 3.67 16.55
C SER B 125 29.78 3.26 16.54
N ARG B 126 29.18 3.06 15.37
CA ARG B 126 27.75 2.81 15.17
C ARG B 126 26.89 4.02 15.53
N LYS B 127 27.49 5.20 15.69
CA LYS B 127 26.73 6.39 16.03
C LYS B 127 25.82 6.79 14.87
N LEU B 128 24.56 7.10 15.21
CA LEU B 128 23.60 7.54 14.20
C LEU B 128 23.86 9.00 13.86
N VAL B 129 24.16 9.28 12.60
CA VAL B 129 24.53 10.62 12.17
C VAL B 129 23.69 11.13 11.01
N GLY B 130 22.71 10.37 10.53
CA GLY B 130 21.89 10.82 9.43
C GLY B 130 20.59 10.05 9.38
N PHE B 131 19.55 10.67 8.83
CA PHE B 131 18.25 10.03 8.76
C PHE B 131 17.38 10.71 7.71
N ILE B 132 16.47 9.93 7.14
CA ILE B 132 15.38 10.42 6.32
C ILE B 132 14.31 9.34 6.32
N SER B 133 13.06 9.74 6.12
CA SER B 133 11.96 8.79 6.22
C SER B 133 10.91 9.06 5.15
N ALA B 134 10.20 7.99 4.79
CA ALA B 134 9.04 8.07 3.92
C ALA B 134 7.91 7.28 4.54
N ILE B 135 6.70 7.84 4.48
CA ILE B 135 5.49 7.09 4.82
C ILE B 135 4.55 7.19 3.63
N PRO B 136 3.75 6.15 3.36
CA PRO B 136 2.85 6.21 2.21
C PRO B 136 1.64 7.08 2.50
N ALA B 137 1.11 7.69 1.44
CA ALA B 137 -0.09 8.51 1.59
C ALA B 137 -0.76 8.66 0.23
N ASN B 138 -2.08 8.54 0.22
CA ASN B 138 -2.86 8.89 -0.95
C ASN B 138 -3.09 10.39 -0.95
N ILE B 139 -2.69 11.06 -2.03
CA ILE B 139 -2.73 12.51 -2.12
C ILE B 139 -3.64 12.91 -3.26
N HIS B 140 -4.56 13.83 -2.98
N HIS B 140 -4.55 13.85 -2.98
CA HIS B 140 -5.41 14.44 -4.00
CA HIS B 140 -5.42 14.45 -3.98
C HIS B 140 -4.83 15.79 -4.36
C HIS B 140 -4.85 15.81 -4.36
N ILE B 141 -4.48 15.97 -5.63
CA ILE B 141 -3.90 17.21 -6.13
C ILE B 141 -4.70 17.64 -7.34
N TYR B 142 -5.45 18.74 -7.18
CA TYR B 142 -6.42 19.19 -8.18
C TYR B 142 -7.34 18.05 -8.59
N ASP B 143 -7.29 17.62 -9.84
CA ASP B 143 -8.20 16.61 -10.34
C ASP B 143 -7.65 15.18 -10.24
N THR B 144 -6.46 15.01 -9.67
CA THR B 144 -5.79 13.72 -9.67
C THR B 144 -5.62 13.19 -8.25
N GLU B 145 -5.84 11.89 -8.08
CA GLU B 145 -5.55 11.17 -6.85
C GLU B 145 -4.39 10.24 -7.14
N LYS B 146 -3.28 10.40 -6.40
CA LYS B 146 -2.08 9.62 -6.61
C LYS B 146 -1.61 9.00 -5.30
N LYS B 147 -1.17 7.76 -5.37
CA LYS B 147 -0.39 7.16 -4.28
C LYS B 147 0.98 7.82 -4.26
N MET B 148 1.34 8.40 -3.13
CA MET B 148 2.62 9.08 -2.97
C MET B 148 3.25 8.62 -1.66
N VAL B 149 4.40 9.23 -1.34
CA VAL B 149 4.96 9.16 0.00
C VAL B 149 5.11 10.58 0.53
N GLU B 150 5.11 10.69 1.85
CA GLU B 150 5.47 11.92 2.53
C GLU B 150 6.88 11.76 3.08
N ILE B 151 7.76 12.69 2.73
CA ILE B 151 9.14 12.69 3.22
C ILE B 151 9.23 13.60 4.42
N ASN B 152 9.84 13.11 5.50
CA ASN B 152 9.98 13.90 6.72
C ASN B 152 11.25 13.50 7.43
N PHE B 153 11.66 14.36 8.37
CA PHE B 153 12.75 14.07 9.31
C PHE B 153 14.10 13.89 8.61
N LEU B 154 14.32 14.62 7.52
CA LEU B 154 15.66 14.67 6.92
C LEU B 154 16.59 15.37 7.91
N CYS B 155 17.62 14.66 8.34
CA CYS B 155 18.53 15.18 9.37
C CYS B 155 19.94 14.68 9.12
N VAL B 156 20.90 15.60 9.18
CA VAL B 156 22.32 15.29 9.11
C VAL B 156 22.98 15.88 10.35
N HIS B 157 23.82 15.08 11.01
CA HIS B 157 24.50 15.54 12.22
C HIS B 157 25.27 16.83 11.93
N LYS B 158 25.31 17.72 12.93
CA LYS B 158 25.93 19.03 12.75
C LYS B 158 27.37 18.91 12.28
N LYS B 159 28.10 17.89 12.74
CA LYS B 159 29.50 17.72 12.34
C LYS B 159 29.65 17.17 10.93
N LEU B 160 28.57 16.69 10.31
CA LEU B 160 28.60 16.18 8.94
C LEU B 160 28.01 17.15 7.93
N ARG B 161 27.67 18.37 8.35
CA ARG B 161 27.00 19.31 7.48
C ARG B 161 27.89 19.77 6.33
N SER B 162 27.25 20.25 5.27
CA SER B 162 27.93 20.87 4.13
C SER B 162 28.97 19.93 3.50
N LYS B 163 28.63 18.65 3.45
CA LYS B 163 29.50 17.63 2.86
C LYS B 163 28.74 16.74 1.89
N ARG B 164 27.65 17.26 1.31
CA ARG B 164 26.88 16.57 0.27
C ARG B 164 26.27 15.26 0.77
N VAL B 165 25.92 15.21 2.06
CA VAL B 165 25.30 13.99 2.60
C VAL B 165 23.79 14.02 2.39
N ALA B 166 23.17 15.19 2.50
CA ALA B 166 21.73 15.28 2.26
C ALA B 166 21.34 14.86 0.85
N PRO B 167 22.06 15.22 -0.23
CA PRO B 167 21.69 14.71 -1.56
C PRO B 167 21.72 13.19 -1.66
N VAL B 168 22.67 12.54 -0.97
N VAL B 168 22.63 12.52 -0.95
CA VAL B 168 22.72 11.08 -0.98
CA VAL B 168 22.65 11.05 -1.07
C VAL B 168 21.51 10.50 -0.27
C VAL B 168 21.57 10.42 -0.21
N LEU B 169 21.14 11.08 0.87
CA LEU B 169 19.97 10.60 1.61
C LEU B 169 18.72 10.73 0.77
N ILE B 170 18.58 11.83 0.03
CA ILE B 170 17.40 12.03 -0.80
C ILE B 170 17.37 11.01 -1.94
N ARG B 171 18.51 10.79 -2.59
CA ARG B 171 18.55 9.85 -3.69
C ARG B 171 18.29 8.43 -3.22
N GLU B 172 18.77 8.08 -2.02
CA GLU B 172 18.59 6.73 -1.53
C GLU B 172 17.15 6.46 -1.11
N ILE B 173 16.49 7.43 -0.46
CA ILE B 173 15.07 7.21 -0.13
C ILE B 173 14.24 7.19 -1.41
N THR B 174 14.61 8.00 -2.40
CA THR B 174 13.93 7.97 -3.69
C THR B 174 14.04 6.58 -4.32
N ARG B 175 15.22 5.99 -4.27
CA ARG B 175 15.43 4.65 -4.83
C ARG B 175 14.57 3.63 -4.11
N ARG B 176 14.55 3.68 -2.76
CA ARG B 176 13.77 2.70 -2.00
C ARG B 176 12.28 2.90 -2.19
N VAL B 177 11.84 4.13 -2.46
CA VAL B 177 10.43 4.36 -2.75
C VAL B 177 10.10 3.88 -4.17
N HIS B 178 11.01 4.13 -5.12
CA HIS B 178 10.83 3.63 -6.49
C HIS B 178 10.68 2.12 -6.51
N LEU B 179 11.45 1.41 -5.68
CA LEU B 179 11.39 -0.04 -5.67
C LEU B 179 10.00 -0.55 -5.30
N GLU B 180 9.22 0.24 -4.57
CA GLU B 180 7.86 -0.13 -4.20
C GLU B 180 6.82 0.37 -5.19
N GLY B 181 7.24 0.91 -6.33
CA GLY B 181 6.31 1.32 -7.37
C GLY B 181 5.68 2.68 -7.18
N ILE B 182 6.31 3.57 -6.42
CA ILE B 182 5.78 4.91 -6.16
C ILE B 182 6.74 5.93 -6.75
N PHE B 183 6.20 6.92 -7.46
CA PHE B 183 7.04 7.85 -8.21
C PHE B 183 6.72 9.31 -7.96
N GLN B 184 5.89 9.61 -6.96
CA GLN B 184 5.64 10.99 -6.54
C GLN B 184 5.74 11.08 -5.03
N ALA B 185 6.09 12.26 -4.53
CA ALA B 185 6.18 12.51 -3.11
C ALA B 185 5.72 13.92 -2.80
N VAL B 186 5.33 14.13 -1.54
CA VAL B 186 5.02 15.46 -1.02
C VAL B 186 5.87 15.69 0.23
N TYR B 187 6.30 16.93 0.41
CA TYR B 187 7.14 17.30 1.54
C TYR B 187 7.05 18.80 1.76
N THR B 188 7.44 19.23 2.95
CA THR B 188 7.51 20.64 3.30
C THR B 188 8.93 21.00 3.74
N ALA B 189 9.23 22.29 3.70
CA ALA B 189 10.54 22.77 4.14
C ALA B 189 10.47 24.28 4.38
N GLY B 190 11.29 24.74 5.33
CA GLY B 190 11.42 26.16 5.57
C GLY B 190 12.31 26.90 4.60
N VAL B 191 13.07 26.18 3.78
CA VAL B 191 13.91 26.79 2.77
C VAL B 191 13.16 26.79 1.44
N VAL B 192 13.56 27.68 0.55
CA VAL B 192 12.99 27.75 -0.78
C VAL B 192 13.80 26.87 -1.72
N LEU B 193 13.11 26.04 -2.49
CA LEU B 193 13.70 25.08 -3.40
C LEU B 193 12.86 25.05 -4.67
N PRO B 194 13.38 24.51 -5.78
CA PRO B 194 12.49 24.20 -6.91
C PRO B 194 11.58 23.03 -6.56
N LYS B 195 10.26 23.21 -6.57
CA LYS B 195 9.58 24.50 -6.68
C LYS B 195 8.29 24.43 -5.89
N PRO B 196 8.02 25.43 -5.05
CA PRO B 196 6.89 25.34 -4.13
C PRO B 196 5.57 25.30 -4.87
N VAL B 197 4.70 24.36 -4.48
CA VAL B 197 3.33 24.35 -4.97
C VAL B 197 2.46 25.29 -4.15
N GLY B 198 2.91 25.67 -2.96
CA GLY B 198 2.20 26.61 -2.12
C GLY B 198 3.09 27.09 -1.00
N THR B 199 2.88 28.33 -0.55
CA THR B 199 3.66 28.90 0.52
C THR B 199 2.72 29.28 1.66
N CYS B 200 2.92 28.67 2.82
CA CYS B 200 2.12 28.96 3.99
C CYS B 200 2.96 29.68 5.03
N ARG B 201 2.27 30.38 5.92
CA ARG B 201 2.89 31.17 6.97
C ARG B 201 2.42 30.68 8.33
N TYR B 202 3.36 30.55 9.26
CA TYR B 202 3.01 30.17 10.61
C TYR B 202 2.56 31.39 11.42
N TRP B 203 1.50 31.19 12.20
CA TRP B 203 1.03 32.17 13.17
C TRP B 203 1.10 31.54 14.56
N HIS B 204 1.19 32.39 15.58
CA HIS B 204 1.35 31.93 16.95
C HIS B 204 0.39 32.65 17.86
N ARG B 205 -0.22 31.90 18.77
CA ARG B 205 -1.18 32.42 19.74
C ARG B 205 -0.60 32.17 21.13
N SER B 206 -0.19 33.24 21.80
CA SER B 206 0.39 33.12 23.14
C SER B 206 -0.64 32.56 24.12
N LEU B 207 -0.20 31.59 24.92
CA LEU B 207 -1.00 31.05 26.01
C LEU B 207 -0.40 31.38 27.36
N ASN B 208 0.92 31.30 27.50
N ASN B 208 0.93 31.26 27.52
CA ASN B 208 1.65 31.66 28.71
CA ASN B 208 1.64 31.66 28.72
C ASN B 208 2.62 32.77 28.32
C ASN B 208 2.61 32.77 28.33
N PRO B 209 2.13 34.00 28.16
CA PRO B 209 3.00 35.07 27.65
C PRO B 209 4.17 35.42 28.55
N ARG B 210 4.04 35.22 29.87
CA ARG B 210 5.16 35.51 30.76
C ARG B 210 6.37 34.65 30.40
N LYS B 211 6.15 33.36 30.14
CA LYS B 211 7.25 32.50 29.75
C LYS B 211 7.78 32.85 28.37
N LEU B 212 6.87 33.15 27.43
CA LEU B 212 7.30 33.44 26.06
C LEU B 212 8.19 34.68 26.00
N ILE B 213 7.94 35.68 26.85
CA ILE B 213 8.80 36.85 26.89
C ILE B 213 10.12 36.52 27.55
N GLU B 214 10.09 35.75 28.64
CA GLU B 214 11.30 35.43 29.39
C GLU B 214 12.28 34.59 28.60
N VAL B 215 11.80 33.85 27.58
CA VAL B 215 12.66 33.04 26.73
C VAL B 215 12.89 33.69 25.37
N LYS B 216 12.41 34.91 25.16
CA LYS B 216 12.57 35.66 23.92
C LYS B 216 11.94 34.96 22.73
N PHE B 217 10.94 34.11 22.96
CA PHE B 217 10.11 33.63 21.87
C PHE B 217 9.31 34.78 21.27
N SER B 218 8.81 35.67 22.12
CA SER B 218 8.18 36.92 21.69
C SER B 218 8.67 38.04 22.59
N HIS B 219 8.34 39.27 22.21
CA HIS B 219 8.67 40.46 22.99
C HIS B 219 7.44 41.34 23.09
N LEU B 220 7.45 42.22 24.10
CA LEU B 220 6.31 43.09 24.39
C LEU B 220 5.91 43.95 23.19
N MET B 224 2.53 48.51 25.12
CA MET B 224 1.90 47.50 25.94
C MET B 224 2.85 47.00 27.02
N THR B 225 2.34 46.88 28.25
CA THR B 225 3.12 46.41 29.38
C THR B 225 2.85 44.93 29.65
N MET B 226 3.66 44.36 30.55
CA MET B 226 3.52 42.94 30.89
C MET B 226 2.14 42.64 31.45
N GLN B 227 1.66 43.49 32.36
CA GLN B 227 0.32 43.29 32.92
C GLN B 227 -0.75 43.40 31.84
N ARG B 228 -0.55 44.31 30.89
CA ARG B 228 -1.53 44.48 29.81
C ARG B 228 -1.54 43.27 28.88
N THR B 229 -0.36 42.78 28.50
CA THR B 229 -0.29 41.68 27.55
C THR B 229 -0.82 40.38 28.15
N MET B 230 -0.70 40.21 29.46
CA MET B 230 -1.28 39.03 30.10
C MET B 230 -2.81 39.08 30.08
N LYS B 231 -3.37 40.26 30.39
CA LYS B 231 -4.82 40.41 30.33
C LYS B 231 -5.34 40.30 28.91
N LEU B 232 -4.53 40.70 27.92
CA LEU B 232 -4.94 40.59 26.52
C LEU B 232 -5.11 39.14 26.10
N TYR B 233 -4.22 38.26 26.59
CA TYR B 233 -4.18 36.87 26.16
C TYR B 233 -4.89 35.93 27.12
N ARG B 234 -5.54 36.43 28.15
CA ARG B 234 -6.27 35.57 29.08
C ARG B 234 -7.42 34.88 28.37
N LEU B 235 -7.69 33.64 28.76
CA LEU B 235 -8.71 32.81 28.16
C LEU B 235 -9.70 32.33 29.22
N PRO B 236 -10.93 32.00 28.83
CA PRO B 236 -11.86 31.38 29.78
C PRO B 236 -11.32 30.04 30.27
N GLU B 237 -11.86 29.61 31.42
CA GLU B 237 -11.35 28.41 32.07
C GLU B 237 -11.88 27.12 31.46
N THR B 238 -13.00 27.17 30.73
CA THR B 238 -13.60 25.99 30.13
C THR B 238 -14.09 26.33 28.73
N PRO B 239 -14.17 25.33 27.85
CA PRO B 239 -14.71 25.58 26.50
C PRO B 239 -16.17 25.98 26.55
N LYS B 240 -16.64 26.58 25.46
CA LYS B 240 -18.00 27.09 25.38
C LYS B 240 -18.94 26.20 24.58
N THR B 241 -18.43 25.46 23.58
CA THR B 241 -19.30 24.74 22.67
C THR B 241 -20.01 23.58 23.37
N ALA B 242 -21.32 23.52 23.20
CA ALA B 242 -22.11 22.43 23.76
C ALA B 242 -21.69 21.09 23.17
N GLY B 243 -21.57 20.08 24.03
CA GLY B 243 -21.31 18.74 23.59
C GLY B 243 -19.89 18.45 23.15
N LEU B 244 -18.95 19.35 23.43
CA LEU B 244 -17.55 19.09 23.11
C LEU B 244 -16.99 18.03 24.06
N ARG B 245 -16.33 17.02 23.49
CA ARG B 245 -15.78 15.93 24.29
C ARG B 245 -14.64 15.29 23.51
N PRO B 246 -13.76 14.54 24.19
CA PRO B 246 -12.69 13.84 23.46
C PRO B 246 -13.24 12.82 22.48
N MET B 247 -12.53 12.66 21.37
CA MET B 247 -12.89 11.63 20.40
C MET B 247 -12.73 10.24 21.00
N GLU B 248 -13.67 9.36 20.68
CA GLU B 248 -13.68 7.97 21.14
C GLU B 248 -13.70 7.04 19.94
N THR B 249 -13.55 5.74 20.23
CA THR B 249 -13.52 4.72 19.17
C THR B 249 -14.79 4.75 18.32
N LYS B 250 -15.94 4.98 18.95
CA LYS B 250 -17.21 5.01 18.24
C LYS B 250 -17.30 6.17 17.25
N ASP B 251 -16.46 7.19 17.39
CA ASP B 251 -16.50 8.36 16.51
C ASP B 251 -15.65 8.20 15.25
N ILE B 252 -14.87 7.13 15.14
CA ILE B 252 -13.96 7.00 14.00
C ILE B 252 -14.70 7.09 12.66
N PRO B 253 -15.80 6.37 12.42
CA PRO B 253 -16.46 6.50 11.11
C PRO B 253 -16.96 7.90 10.82
N VAL B 254 -17.56 8.59 11.79
CA VAL B 254 -18.12 9.91 11.50
C VAL B 254 -17.00 10.94 11.34
N VAL B 255 -15.90 10.81 12.08
CA VAL B 255 -14.77 11.70 11.85
C VAL B 255 -14.22 11.51 10.45
N HIS B 256 -14.09 10.25 10.03
CA HIS B 256 -13.69 9.94 8.66
C HIS B 256 -14.62 10.61 7.65
N GLN B 257 -15.93 10.46 7.84
CA GLN B 257 -16.89 11.03 6.91
C GLN B 257 -16.84 12.55 6.91
N LEU B 258 -16.81 13.16 8.09
CA LEU B 258 -16.73 14.62 8.17
C LEU B 258 -15.48 15.15 7.48
N LEU B 259 -14.33 14.50 7.73
CA LEU B 259 -13.08 14.99 7.16
C LEU B 259 -13.06 14.84 5.64
N THR B 260 -13.52 13.70 5.13
CA THR B 260 -13.50 13.47 3.69
C THR B 260 -14.33 14.51 2.96
N ARG B 261 -15.54 14.79 3.44
CA ARG B 261 -16.40 15.77 2.77
C ARG B 261 -15.84 17.18 2.93
N TYR B 262 -15.25 17.48 4.08
CA TYR B 262 -14.73 18.83 4.32
C TYR B 262 -13.52 19.13 3.42
N LEU B 263 -12.67 18.13 3.18
CA LEU B 263 -11.45 18.37 2.42
C LEU B 263 -11.68 18.54 0.93
N LYS B 264 -12.86 18.19 0.41
CA LYS B 264 -13.09 18.29 -1.03
C LYS B 264 -12.93 19.71 -1.56
N GLN B 265 -13.08 20.72 -0.70
CA GLN B 265 -13.03 22.11 -1.14
C GLN B 265 -11.61 22.64 -1.35
N PHE B 266 -10.59 21.87 -1.03
CA PHE B 266 -9.20 22.31 -1.18
C PHE B 266 -8.56 21.58 -2.34
N HIS B 267 -7.36 22.03 -2.73
CA HIS B 267 -6.70 21.53 -3.92
C HIS B 267 -5.54 20.58 -3.62
N LEU B 268 -5.05 20.54 -2.39
CA LEU B 268 -3.98 19.61 -2.00
C LEU B 268 -4.37 19.02 -0.65
N THR B 269 -4.79 17.77 -0.63
CA THR B 269 -5.38 17.14 0.54
C THR B 269 -4.93 15.69 0.62
N PRO B 270 -4.95 15.10 1.82
CA PRO B 270 -4.82 13.65 1.93
C PRO B 270 -6.17 12.98 1.67
N VAL B 271 -6.10 11.73 1.24
CA VAL B 271 -7.26 10.86 1.12
C VAL B 271 -7.02 9.71 2.09
N MET B 272 -7.68 9.74 3.24
CA MET B 272 -7.41 8.80 4.30
C MET B 272 -8.44 7.68 4.30
N SER B 273 -7.95 6.46 4.45
CA SER B 273 -8.84 5.35 4.80
C SER B 273 -9.33 5.53 6.24
N GLN B 274 -10.31 4.70 6.61
CA GLN B 274 -10.80 4.75 7.98
C GLN B 274 -9.74 4.31 8.97
N GLU B 275 -8.86 3.39 8.58
CA GLU B 275 -7.75 3.00 9.44
C GLU B 275 -6.78 4.16 9.63
N GLU B 276 -6.53 4.94 8.58
CA GLU B 276 -5.65 6.09 8.69
C GLU B 276 -6.26 7.17 9.58
N VAL B 277 -7.58 7.37 9.50
CA VAL B 277 -8.25 8.34 10.36
C VAL B 277 -8.08 7.94 11.82
N GLU B 278 -8.25 6.65 12.12
CA GLU B 278 -8.00 6.17 13.47
C GLU B 278 -6.57 6.49 13.91
N HIS B 279 -5.60 6.22 13.04
CA HIS B 279 -4.21 6.47 13.43
C HIS B 279 -3.95 7.95 13.68
N TRP B 280 -4.39 8.81 12.77
CA TRP B 280 -3.99 10.21 12.86
C TRP B 280 -4.80 10.98 13.90
N PHE B 281 -5.98 10.52 14.29
CA PHE B 281 -6.85 11.34 15.12
C PHE B 281 -7.20 10.74 16.48
N TYR B 282 -7.11 9.44 16.66
CA TYR B 282 -7.47 8.86 17.95
C TYR B 282 -6.55 9.42 19.03
N PRO B 283 -7.08 10.00 20.10
CA PRO B 283 -6.23 10.74 21.04
C PRO B 283 -5.17 9.86 21.68
N GLN B 284 -3.94 10.38 21.72
CA GLN B 284 -2.84 9.80 22.48
C GLN B 284 -2.23 10.91 23.31
N GLU B 285 -2.16 10.72 24.62
CA GLU B 285 -1.68 11.78 25.52
C GLU B 285 -0.28 12.23 25.12
N ASN B 286 -0.11 13.55 25.01
CA ASN B 286 1.15 14.21 24.67
C ASN B 286 1.58 13.92 23.24
N ILE B 287 0.65 13.54 22.37
CA ILE B 287 0.96 13.32 20.96
C ILE B 287 -0.09 14.03 20.11
N ILE B 288 -1.34 13.60 20.22
CA ILE B 288 -2.42 14.10 19.37
C ILE B 288 -3.70 14.18 20.21
N ASP B 289 -4.37 15.33 20.13
CA ASP B 289 -5.65 15.53 20.79
C ASP B 289 -6.71 15.77 19.73
N THR B 290 -7.85 15.10 19.88
CA THR B 290 -9.01 15.31 19.01
C THR B 290 -10.25 15.41 19.88
N PHE B 291 -11.03 16.46 19.67
CA PHE B 291 -12.30 16.67 20.37
C PHE B 291 -13.40 16.79 19.33
N VAL B 292 -14.51 16.11 19.57
CA VAL B 292 -15.67 16.17 18.68
C VAL B 292 -16.80 16.92 19.36
N VAL B 293 -17.73 17.42 18.56
CA VAL B 293 -18.95 18.05 19.05
C VAL B 293 -20.09 17.08 18.83
N GLU B 294 -20.69 16.58 19.91
CA GLU B 294 -21.86 15.72 19.84
C GLU B 294 -23.06 16.56 20.25
N ASN B 295 -24.00 16.77 19.33
CA ASN B 295 -25.09 17.72 19.56
C ASN B 295 -26.17 17.07 20.42
N ALA B 296 -27.32 17.74 20.52
CA ALA B 296 -28.43 17.30 21.38
C ALA B 296 -29.14 16.07 20.86
N ASN B 297 -28.93 15.70 19.59
CA ASN B 297 -29.49 14.48 19.03
C ASN B 297 -28.51 13.33 19.05
N GLY B 298 -27.31 13.53 19.61
CA GLY B 298 -26.29 12.49 19.62
C GLY B 298 -25.49 12.37 18.35
N GLU B 299 -25.55 13.36 17.46
CA GLU B 299 -24.82 13.32 16.21
C GLU B 299 -23.54 14.15 16.33
N VAL B 300 -22.44 13.61 15.82
CA VAL B 300 -21.19 14.35 15.78
C VAL B 300 -21.19 15.23 14.54
N THR B 301 -21.05 16.54 14.75
CA THR B 301 -21.16 17.51 13.66
C THR B 301 -19.88 18.29 13.40
N ASP B 302 -18.93 18.30 14.34
CA ASP B 302 -17.68 19.03 14.19
C ASP B 302 -16.58 18.29 14.94
N PHE B 303 -15.33 18.61 14.59
CA PHE B 303 -14.22 18.18 15.44
C PHE B 303 -13.04 19.14 15.26
N LEU B 304 -12.20 19.18 16.28
CA LEU B 304 -10.96 19.94 16.27
C LEU B 304 -9.83 19.00 16.70
N SER B 305 -8.61 19.30 16.24
CA SER B 305 -7.47 18.48 16.61
C SER B 305 -6.21 19.31 16.59
N PHE B 306 -5.25 18.92 17.44
CA PHE B 306 -3.95 19.55 17.48
C PHE B 306 -2.94 18.56 18.06
N TYR B 307 -1.71 18.60 17.57
CA TYR B 307 -0.70 17.69 18.07
C TYR B 307 0.33 18.42 18.91
N THR B 308 1.08 17.62 19.68
CA THR B 308 2.01 18.11 20.69
C THR B 308 3.43 18.03 20.15
N LEU B 309 4.11 19.17 20.09
CA LEU B 309 5.50 19.23 19.62
C LEU B 309 6.27 20.27 20.41
N PRO B 310 6.92 19.86 21.50
CA PRO B 310 7.72 20.82 22.28
C PRO B 310 9.02 21.14 21.55
N SER B 311 9.72 22.16 22.08
CA SER B 311 11.01 22.55 21.54
C SER B 311 11.99 22.78 22.68
N THR B 312 13.26 22.50 22.40
CA THR B 312 14.33 22.81 23.33
C THR B 312 14.65 24.30 23.28
N ILE B 313 14.80 24.91 24.45
CA ILE B 313 15.28 26.28 24.55
C ILE B 313 16.78 26.23 24.78
N MET B 314 17.54 26.54 23.74
CA MET B 314 18.99 26.37 23.79
C MET B 314 19.63 27.49 24.60
N ASN B 315 20.61 27.10 25.42
CA ASN B 315 21.48 28.03 26.15
C ASN B 315 20.72 28.87 27.18
N HIS B 316 19.67 28.33 27.79
CA HIS B 316 18.97 29.09 28.81
C HIS B 316 19.10 28.41 30.16
N PRO B 317 19.54 29.14 31.19
CA PRO B 317 19.80 28.49 32.49
C PRO B 317 18.55 28.04 33.23
N THR B 318 17.39 28.69 33.03
CA THR B 318 16.20 28.37 33.80
C THR B 318 15.16 27.61 33.00
N HIS B 319 14.71 28.15 31.88
CA HIS B 319 13.69 27.51 31.06
C HIS B 319 14.37 26.64 30.00
N LYS B 320 14.02 25.34 30.00
CA LYS B 320 14.67 24.38 29.13
C LYS B 320 13.83 23.92 27.95
N SER B 321 12.51 24.07 28.01
CA SER B 321 11.65 23.53 26.98
C SER B 321 10.44 24.43 26.78
N LEU B 322 9.95 24.45 25.55
CA LEU B 322 8.78 25.24 25.15
C LEU B 322 7.71 24.27 24.65
N LYS B 323 6.59 24.21 25.37
N LYS B 323 6.59 24.21 25.37
CA LYS B 323 5.51 23.28 25.03
CA LYS B 323 5.51 23.27 25.03
C LYS B 323 4.55 23.94 24.04
C LYS B 323 4.55 23.93 24.04
N ALA B 324 4.59 23.48 22.79
CA ALA B 324 3.77 24.04 21.72
C ALA B 324 2.70 23.06 21.27
N ALA B 325 1.53 23.60 20.94
CA ALA B 325 0.47 22.86 20.28
C ALA B 325 0.34 23.35 18.85
N TYR B 326 0.10 22.42 17.92
CA TYR B 326 0.03 22.75 16.51
C TYR B 326 -1.33 22.34 15.96
N SER B 327 -2.05 23.29 15.39
CA SER B 327 -3.32 23.01 14.74
C SER B 327 -3.15 21.91 13.69
N PHE B 328 -4.05 20.94 13.70
CA PHE B 328 -3.97 19.78 12.81
C PHE B 328 -5.07 19.91 11.78
N TYR B 329 -6.18 19.20 11.93
CA TYR B 329 -7.34 19.36 11.05
C TYR B 329 -8.56 19.75 11.88
N ASN B 330 -9.26 20.78 11.43
CA ASN B 330 -10.45 21.28 12.10
C ASN B 330 -11.60 21.30 11.11
N VAL B 331 -12.67 20.57 11.41
CA VAL B 331 -13.80 20.41 10.51
C VAL B 331 -15.04 20.98 11.20
N HIS B 332 -15.74 21.87 10.51
CA HIS B 332 -16.96 22.48 11.03
C HIS B 332 -18.10 22.28 10.03
N THR B 333 -19.25 21.83 10.53
CA THR B 333 -20.47 21.83 9.73
C THR B 333 -21.66 22.47 10.44
N GLN B 334 -21.63 22.61 11.77
CA GLN B 334 -22.72 23.25 12.50
C GLN B 334 -22.19 24.29 13.46
N THR B 335 -21.01 24.03 14.04
CA THR B 335 -20.35 24.96 14.95
C THR B 335 -19.48 25.92 14.16
N PRO B 336 -19.54 27.23 14.43
CA PRO B 336 -18.67 28.16 13.70
C PRO B 336 -17.20 27.85 13.93
N LEU B 337 -16.40 28.00 12.88
CA LEU B 337 -14.98 27.72 12.98
C LEU B 337 -14.33 28.58 14.06
N LEU B 338 -14.74 29.85 14.17
CA LEU B 338 -14.17 30.73 15.19
C LEU B 338 -14.40 30.17 16.59
N ASP B 339 -15.62 29.68 16.86
CA ASP B 339 -15.90 29.11 18.16
C ASP B 339 -15.16 27.80 18.37
N LEU B 340 -15.02 27.01 17.31
CA LEU B 340 -14.23 25.78 17.39
C LEU B 340 -12.80 26.08 17.80
N MET B 341 -12.15 27.03 17.12
CA MET B 341 -10.77 27.33 17.43
C MET B 341 -10.62 28.04 18.77
N SER B 342 -11.64 28.78 19.20
N SER B 342 -11.65 28.78 19.19
CA SER B 342 -11.60 29.37 20.53
CA SER B 342 -11.63 29.37 20.53
C SER B 342 -11.52 28.29 21.60
C SER B 342 -11.52 28.28 21.59
N ASP B 343 -12.29 27.20 21.44
CA ASP B 343 -12.22 26.11 22.41
C ASP B 343 -10.90 25.35 22.31
N ALA B 344 -10.33 25.25 21.11
CA ALA B 344 -9.01 24.66 20.98
C ALA B 344 -7.97 25.41 21.81
N LEU B 345 -8.01 26.75 21.77
CA LEU B 345 -7.10 27.54 22.58
C LEU B 345 -7.32 27.27 24.06
N VAL B 346 -8.58 27.24 24.50
CA VAL B 346 -8.88 26.99 25.91
C VAL B 346 -8.39 25.61 26.33
N LEU B 347 -8.61 24.60 25.48
CA LEU B 347 -8.16 23.24 25.80
C LEU B 347 -6.64 23.18 25.86
N ALA B 348 -5.95 23.82 24.91
CA ALA B 348 -4.49 23.85 24.94
C ALA B 348 -3.97 24.51 26.21
N LYS B 349 -4.59 25.63 26.61
CA LYS B 349 -4.19 26.29 27.85
C LYS B 349 -4.41 25.37 29.04
N MET B 350 -5.57 24.70 29.10
CA MET B 350 -5.84 23.77 30.20
C MET B 350 -4.79 22.68 30.28
N LYS B 351 -4.32 22.19 29.13
CA LYS B 351 -3.37 21.08 29.09
C LYS B 351 -1.93 21.51 29.33
N GLY B 352 -1.69 22.79 29.59
CA GLY B 352 -0.36 23.26 29.95
C GLY B 352 0.50 23.77 28.83
N PHE B 353 -0.06 24.01 27.64
CA PHE B 353 0.73 24.48 26.51
C PHE B 353 1.10 25.96 26.69
N ASP B 354 2.29 26.30 26.23
CA ASP B 354 2.76 27.68 26.30
C ASP B 354 2.32 28.51 25.10
N VAL B 355 2.12 27.88 23.95
CA VAL B 355 1.79 28.59 22.72
C VAL B 355 0.99 27.65 21.83
N PHE B 356 0.16 28.24 20.96
CA PHE B 356 -0.66 27.50 20.00
C PHE B 356 -0.31 27.98 18.61
N ASN B 357 0.21 27.09 17.78
CA ASN B 357 0.65 27.43 16.43
C ASN B 357 -0.36 26.94 15.41
N ALA B 358 -0.53 27.72 14.34
CA ALA B 358 -1.41 27.35 13.24
C ALA B 358 -0.90 28.00 11.97
N LEU B 359 -1.02 27.29 10.86
CA LEU B 359 -0.68 27.84 9.56
C LEU B 359 -1.85 28.63 8.99
N ASP B 360 -1.58 29.40 7.94
CA ASP B 360 -2.62 30.18 7.28
C ASP B 360 -3.28 29.44 6.13
N LEU B 361 -3.21 28.10 6.13
CA LEU B 361 -3.83 27.29 5.10
C LEU B 361 -5.29 27.02 5.44
N MET B 362 -5.98 26.30 4.55
CA MET B 362 -7.41 25.99 4.66
C MET B 362 -8.14 27.31 4.94
N GLU B 363 -9.08 27.34 5.89
CA GLU B 363 -9.80 28.56 6.22
C GLU B 363 -9.25 29.28 7.45
N ASN B 364 -7.99 29.00 7.80
CA ASN B 364 -7.45 29.50 9.07
C ASN B 364 -7.38 31.02 9.13
N LYS B 365 -7.21 31.69 7.99
CA LYS B 365 -7.14 33.14 8.01
C LYS B 365 -8.42 33.78 8.55
N THR B 366 -9.55 33.08 8.42
CA THR B 366 -10.82 33.61 8.92
C THR B 366 -10.84 33.77 10.43
N PHE B 367 -9.93 33.12 11.16
CA PHE B 367 -9.90 33.27 12.62
C PHE B 367 -8.57 33.73 13.19
N LEU B 368 -7.49 33.73 12.40
CA LEU B 368 -6.17 33.99 12.96
C LEU B 368 -6.10 35.36 13.65
N GLU B 369 -6.49 36.42 12.94
CA GLU B 369 -6.44 37.75 13.53
C GLU B 369 -7.42 37.88 14.68
N LYS B 370 -8.67 37.45 14.48
CA LYS B 370 -9.71 37.64 15.49
C LYS B 370 -9.35 36.98 16.81
N LEU B 371 -8.72 35.82 16.77
CA LEU B 371 -8.36 35.10 17.98
C LEU B 371 -6.99 35.50 18.52
N LYS B 372 -6.43 36.62 18.06
CA LYS B 372 -5.22 37.21 18.60
C LYS B 372 -3.97 36.36 18.33
N PHE B 373 -3.93 35.68 17.20
CA PHE B 373 -2.69 35.09 16.72
C PHE B 373 -1.76 36.21 16.22
N GLY B 374 -0.46 36.00 16.40
CA GLY B 374 0.56 36.89 15.87
C GLY B 374 1.29 36.19 14.73
N ILE B 375 1.52 36.93 13.64
CA ILE B 375 2.16 36.34 12.47
C ILE B 375 3.61 36.00 12.80
N GLY B 376 4.07 34.86 12.28
CA GLY B 376 5.45 34.45 12.47
C GLY B 376 6.35 34.90 11.34
N ASP B 377 7.64 34.61 11.51
CA ASP B 377 8.64 35.04 10.53
C ASP B 377 8.97 33.96 9.51
N GLY B 378 8.67 32.70 9.80
CA GLY B 378 9.06 31.59 8.95
C GLY B 378 7.93 31.16 8.03
N ASN B 379 8.27 31.01 6.75
CA ASN B 379 7.36 30.42 5.78
C ASN B 379 7.56 28.91 5.73
N LEU B 380 6.46 28.19 5.52
CA LEU B 380 6.50 26.75 5.30
C LEU B 380 6.09 26.49 3.86
N GLN B 381 7.05 26.04 3.06
CA GLN B 381 6.81 25.76 1.65
C GLN B 381 6.32 24.34 1.49
N TYR B 382 5.39 24.13 0.55
CA TYR B 382 4.91 22.81 0.19
C TYR B 382 5.43 22.43 -1.18
N TYR B 383 5.88 21.19 -1.32
CA TYR B 383 6.50 20.72 -2.55
C TYR B 383 5.93 19.38 -2.98
N LEU B 384 5.88 19.18 -4.29
CA LEU B 384 5.61 17.88 -4.88
C LEU B 384 6.83 17.44 -5.68
N TYR B 385 7.13 16.16 -5.63
CA TYR B 385 8.24 15.57 -6.37
C TYR B 385 7.69 14.83 -7.58
N ASN B 386 8.24 15.12 -8.76
CA ASN B 386 7.82 14.50 -10.02
C ASN B 386 6.33 14.74 -10.31
N TRP B 387 5.85 15.94 -9.99
CA TRP B 387 4.48 16.30 -10.36
C TRP B 387 4.43 17.78 -10.73
N LYS B 388 3.98 18.04 -11.95
CA LYS B 388 3.86 19.40 -12.49
C LYS B 388 2.41 19.85 -12.36
N CYS B 389 2.20 20.97 -11.68
CA CYS B 389 0.88 21.56 -11.54
C CYS B 389 1.04 23.02 -11.15
N PRO B 390 0.03 23.86 -11.42
CA PRO B 390 0.11 25.26 -11.00
C PRO B 390 0.13 25.39 -9.48
N SER B 391 0.81 26.42 -9.01
CA SER B 391 0.84 26.71 -7.59
C SER B 391 -0.54 27.18 -7.12
N MET B 392 -0.71 27.25 -5.80
CA MET B 392 -1.99 27.61 -5.22
C MET B 392 -1.75 28.49 -4.01
N GLY B 393 -2.76 29.30 -3.69
CA GLY B 393 -2.72 30.08 -2.48
C GLY B 393 -2.80 29.20 -1.24
N ALA B 394 -2.32 29.75 -0.12
CA ALA B 394 -2.33 29.00 1.13
C ALA B 394 -3.72 28.47 1.45
N GLU B 395 -4.75 29.26 1.14
CA GLU B 395 -6.12 28.89 1.49
C GLU B 395 -6.62 27.66 0.73
N LYS B 396 -5.93 27.23 -0.31
CA LYS B 396 -6.31 26.01 -1.02
C LYS B 396 -5.49 24.79 -0.60
N VAL B 397 -4.48 24.98 0.25
CA VAL B 397 -3.72 23.85 0.79
C VAL B 397 -4.52 23.25 1.94
N GLY B 398 -4.85 21.97 1.82
CA GLY B 398 -5.59 21.27 2.86
C GLY B 398 -4.84 20.05 3.36
N LEU B 399 -3.54 20.21 3.59
CA LEU B 399 -2.66 19.12 4.00
C LEU B 399 -1.75 19.61 5.11
N VAL B 400 -1.73 18.90 6.23
CA VAL B 400 -0.89 19.24 7.38
C VAL B 400 -0.01 18.04 7.70
N LEU B 401 1.29 18.27 7.73
CA LEU B 401 2.27 17.23 8.05
C LEU B 401 2.85 17.47 9.44
N GLN B 402 3.56 16.46 9.95
CA GLN B 402 4.12 16.55 11.30
C GLN B 402 5.55 17.07 11.32
N GLY C 2 4.84 21.20 11.55
CA GLY C 2 5.56 21.13 10.30
C GLY C 2 6.97 21.70 10.26
N ASN C 3 7.84 21.10 9.46
CA ASN C 3 9.29 21.12 9.69
C ASN C 3 9.96 22.45 9.33
N CYS C 4 9.47 23.52 9.92
CA CYS C 4 10.23 24.76 9.97
C CYS C 4 9.80 25.48 11.23
N PHE C 5 10.78 26.03 11.95
CA PHE C 5 10.51 26.62 13.24
C PHE C 5 10.27 28.12 13.07
N SER C 6 9.08 28.56 13.46
CA SER C 6 8.67 29.96 13.34
C SER C 6 8.51 30.58 14.73
N LYS C 7 8.49 31.91 14.74
CA LYS C 7 8.29 32.69 15.95
C LYS C 7 7.76 34.06 15.56
N PRO C 8 7.11 34.78 16.48
CA PRO C 8 6.31 35.95 16.08
C PRO C 8 7.10 37.05 15.40
N ARG C 9 6.40 37.74 14.49
CA ARG C 9 6.69 39.11 14.01
C ARG C 9 7.55 39.20 12.76
N GLY D 2 -4.34 -21.83 -10.43
CA GLY D 2 -5.51 -20.99 -10.24
C GLY D 2 -6.74 -21.77 -9.84
N ASN D 3 -7.61 -21.17 -9.01
CA ASN D 3 -8.56 -21.91 -8.18
C ASN D 3 -9.66 -22.61 -8.99
N CYS D 4 -9.25 -23.44 -9.94
CA CYS D 4 -10.14 -24.36 -10.61
C CYS D 4 -9.32 -25.58 -10.97
N PHE D 5 -9.80 -26.76 -10.59
CA PHE D 5 -9.07 -27.99 -10.85
C PHE D 5 -9.67 -28.67 -12.06
N SER D 6 -8.92 -28.66 -13.15
CA SER D 6 -9.30 -29.30 -14.41
C SER D 6 -8.37 -30.47 -14.71
N LYS D 7 -8.84 -31.33 -15.61
CA LYS D 7 -8.06 -32.43 -16.16
C LYS D 7 -8.71 -32.88 -17.46
N PRO D 8 -7.97 -33.60 -18.33
CA PRO D 8 -8.53 -33.96 -19.64
C PRO D 8 -9.36 -35.24 -19.61
#